data_3WQE
#
_entry.id   3WQE
#
_cell.length_a   157.978
_cell.length_b   157.978
_cell.length_c   158.860
_cell.angle_alpha   90.00
_cell.angle_beta   90.00
_cell.angle_gamma   90.00
#
_symmetry.space_group_name_H-M   'I 41 2 2'
#
loop_
_entity.id
_entity.type
_entity.pdbx_description
1 polymer 'D-threo-3-hydroxyaspartate dehydratase'
2 non-polymer "PYRIDOXAL-5'-PHOSPHATE"
3 non-polymer 'MAGNESIUM ION'
4 non-polymer D-allothreonine
5 water water
#
_entity_poly.entity_id   1
_entity_poly.type   'polypeptide(L)'
_entity_poly.pdbx_seq_one_letter_code
;GHHHHHHAMSMQDTLLTLDTPAAVIDLDRMQRNIARMQQRMDAQGVRLRPHVKTSKSVPVAAAQRAAGASGITVSTLKEA
EQFFAAGTTDILYAVSMAPHRLPQALQLRRRGCDLKLIVDSVAAAQAIAAFGREQGEAFEVWIEIDTDGHRSGVGADDTP
LLLAIGRTLHDGGMRLGGVLTHAGSSYELDTPEALQALAERERAGCVQAAEALRAAGLPCPVVSVGSTPTALAASRLDGV
TEVRAGVYVFFDLVMRNIGVCAAEDVALSVLATVIGHQADKGWAIVDAGWMAMSRDRGTARQKQDFGYGQVCDLQGRVMP
GFVLTGANQEHGILARADGAAEADIATRFPLGTRLRILPNHACATGAQFPAYQALAADGSVQTWERLHGW
;
_entity_poly.pdbx_strand_id   A,B
#
# COMPACT_ATOMS: atom_id res chain seq x y z
N GLN A 12 -26.19 1.50 16.20
CA GLN A 12 -26.22 0.38 15.18
C GLN A 12 -25.49 0.64 13.80
N ASP A 13 -24.22 0.32 13.67
CA ASP A 13 -23.47 0.61 12.41
C ASP A 13 -23.77 -0.37 11.27
N THR A 14 -23.95 0.16 10.06
CA THR A 14 -24.36 -0.69 8.95
C THR A 14 -23.72 -0.15 7.72
N LEU A 15 -23.86 -0.77 6.53
CA LEU A 15 -23.21 -0.26 5.34
C LEU A 15 -23.72 1.13 4.91
N LEU A 16 -24.86 1.56 5.40
CA LEU A 16 -25.35 2.87 5.10
C LEU A 16 -24.74 3.94 6.02
N THR A 17 -24.26 3.57 7.19
CA THR A 17 -23.80 4.59 8.23
C THR A 17 -22.27 4.72 8.15
N LEU A 18 -21.52 3.71 7.69
CA LEU A 18 -20.05 3.73 7.77
C LEU A 18 -19.58 4.95 6.87
N ASP A 19 -18.41 5.53 7.32
CA ASP A 19 -17.80 6.44 6.30
C ASP A 19 -17.10 5.52 5.33
N THR A 20 -16.87 6.11 4.14
CA THR A 20 -16.18 5.45 3.04
C THR A 20 -14.81 6.10 2.76
N PRO A 21 -13.90 5.32 2.25
CA PRO A 21 -13.97 3.91 1.95
C PRO A 21 -13.75 3.10 3.22
N ALA A 22 -14.32 1.84 3.13
CA ALA A 22 -14.17 0.90 4.27
C ALA A 22 -13.97 -0.45 3.68
N ALA A 23 -13.22 -1.27 4.40
CA ALA A 23 -12.95 -2.65 4.01
C ALA A 23 -13.91 -3.55 4.70
N VAL A 24 -14.84 -4.16 3.93
CA VAL A 24 -15.96 -4.95 4.53
C VAL A 24 -15.67 -6.44 4.31
N ILE A 25 -15.78 -7.22 5.39
CA ILE A 25 -15.69 -8.68 5.22
C ILE A 25 -17.15 -9.17 5.37
N ASP A 26 -17.63 -9.88 4.31
CA ASP A 26 -18.90 -10.60 4.41
C ASP A 26 -18.68 -11.89 5.19
N LEU A 27 -19.15 -11.89 6.44
CA LEU A 27 -18.82 -13.01 7.35
C LEU A 27 -19.39 -14.33 6.78
N ASP A 28 -20.54 -14.33 6.12
CA ASP A 28 -21.04 -15.64 5.62
C ASP A 28 -20.07 -16.11 4.51
N ARG A 29 -19.60 -15.21 3.63
CA ARG A 29 -18.66 -15.63 2.58
C ARG A 29 -17.36 -16.14 3.19
N MET A 30 -16.88 -15.39 4.21
CA MET A 30 -15.58 -15.75 4.84
C MET A 30 -15.76 -17.15 5.46
N GLN A 31 -16.89 -17.43 6.16
CA GLN A 31 -17.02 -18.69 6.85
C GLN A 31 -17.08 -19.82 5.76
N ARG A 32 -17.70 -19.53 4.60
CA ARG A 32 -17.75 -20.62 3.57
C ARG A 32 -16.31 -20.86 3.07
N ASN A 33 -15.50 -19.79 2.89
CA ASN A 33 -14.13 -20.05 2.43
C ASN A 33 -13.30 -20.79 3.45
N ILE A 34 -13.51 -20.48 4.72
CA ILE A 34 -12.80 -21.19 5.81
C ILE A 34 -13.20 -22.67 5.81
N ALA A 35 -14.51 -22.97 5.73
CA ALA A 35 -14.91 -24.39 5.76
C ALA A 35 -14.43 -25.11 4.49
N ARG A 36 -14.45 -24.40 3.32
CA ARG A 36 -14.02 -25.13 2.08
C ARG A 36 -12.55 -25.60 2.21
N MET A 37 -11.67 -24.69 2.70
CA MET A 37 -10.29 -25.05 2.78
C MET A 37 -10.03 -26.08 3.85
N GLN A 38 -10.64 -25.91 5.03
CA GLN A 38 -10.37 -26.88 6.11
C GLN A 38 -10.87 -28.29 5.68
N GLN A 39 -12.06 -28.35 5.07
CA GLN A 39 -12.62 -29.66 4.60
C GLN A 39 -11.68 -30.28 3.57
N ARG A 40 -11.08 -29.48 2.68
CA ARG A 40 -10.13 -30.06 1.74
C ARG A 40 -8.85 -30.60 2.38
N MET A 41 -8.34 -29.88 3.39
CA MET A 41 -7.16 -30.35 4.08
C MET A 41 -7.46 -31.58 4.92
N ASP A 42 -8.63 -31.60 5.57
CA ASP A 42 -9.03 -32.84 6.25
C ASP A 42 -9.12 -34.03 5.26
N ALA A 43 -9.64 -33.80 4.08
CA ALA A 43 -9.76 -34.89 3.04
C ALA A 43 -8.40 -35.40 2.58
N GLN A 44 -7.39 -34.53 2.62
CA GLN A 44 -6.01 -34.93 2.35
C GLN A 44 -5.22 -35.42 3.50
N GLY A 45 -5.76 -35.41 4.70
CA GLY A 45 -5.02 -35.90 5.84
C GLY A 45 -3.84 -35.04 6.30
N VAL A 46 -3.94 -33.73 6.08
CA VAL A 46 -2.94 -32.83 6.49
C VAL A 46 -3.52 -31.72 7.39
N ARG A 47 -2.62 -31.16 8.21
CA ARG A 47 -2.95 -30.01 9.05
CA ARG A 47 -3.01 -30.03 9.04
C ARG A 47 -3.05 -28.78 8.14
N LEU A 48 -3.87 -27.79 8.55
CA LEU A 48 -3.91 -26.46 7.87
C LEU A 48 -3.21 -25.46 8.83
N ARG A 49 -2.17 -24.81 8.35
CA ARG A 49 -1.49 -23.72 9.11
C ARG A 49 -1.71 -22.42 8.32
N PRO A 50 -2.81 -21.73 8.64
CA PRO A 50 -3.11 -20.58 7.79
C PRO A 50 -2.06 -19.49 7.84
N HIS A 51 -1.92 -18.83 6.72
CA HIS A 51 -1.01 -17.68 6.67
C HIS A 51 -1.81 -16.41 6.99
N VAL A 52 -1.55 -15.89 8.16
CA VAL A 52 -2.37 -14.76 8.63
C VAL A 52 -1.90 -13.47 8.01
N LYS A 53 -0.88 -13.48 7.16
CA LYS A 53 -0.42 -12.17 6.55
C LYS A 53 -1.55 -11.56 5.68
N THR A 54 -2.55 -12.36 5.25
CA THR A 54 -3.65 -11.81 4.44
C THR A 54 -4.49 -10.85 5.28
N SER A 55 -4.77 -11.22 6.55
CA SER A 55 -5.73 -10.37 7.33
C SER A 55 -5.00 -9.63 8.43
N LYS A 56 -4.00 -10.27 9.06
CA LYS A 56 -3.38 -9.71 10.30
C LYS A 56 -4.41 -9.27 11.29
N SER A 57 -5.50 -10.09 11.47
CA SER A 57 -6.58 -9.65 12.35
C SER A 57 -6.88 -10.83 13.27
N VAL A 58 -6.86 -10.58 14.55
CA VAL A 58 -7.12 -11.64 15.60
C VAL A 58 -8.45 -12.38 15.36
N PRO A 59 -9.57 -11.69 15.09
CA PRO A 59 -10.81 -12.46 14.97
C PRO A 59 -10.87 -13.27 13.65
N VAL A 60 -10.14 -12.86 12.63
CA VAL A 60 -10.16 -13.64 11.38
C VAL A 60 -9.43 -14.96 11.70
N ALA A 61 -8.22 -14.86 12.27
CA ALA A 61 -7.46 -16.06 12.62
C ALA A 61 -8.22 -16.90 13.64
N ALA A 62 -8.99 -16.27 14.55
CA ALA A 62 -9.75 -17.08 15.53
C ALA A 62 -10.81 -17.92 14.76
N ALA A 63 -11.39 -17.35 13.70
CA ALA A 63 -12.38 -18.17 12.98
C ALA A 63 -11.68 -19.31 12.26
N GLN A 64 -10.47 -19.06 11.73
CA GLN A 64 -9.71 -20.17 11.08
C GLN A 64 -9.38 -21.24 12.10
N ARG A 65 -8.93 -20.83 13.31
CA ARG A 65 -8.70 -21.83 14.41
C ARG A 65 -9.96 -22.59 14.80
N ALA A 66 -11.06 -21.87 14.93
CA ALA A 66 -12.27 -22.56 15.37
C ALA A 66 -12.72 -23.65 14.38
N ALA A 67 -12.44 -23.46 13.10
CA ALA A 67 -12.77 -24.47 12.11
C ALA A 67 -11.81 -25.61 12.01
N GLY A 68 -10.66 -25.54 12.68
CA GLY A 68 -9.80 -26.71 12.80
C GLY A 68 -8.34 -26.44 12.44
N ALA A 69 -7.96 -25.18 12.24
CA ALA A 69 -6.57 -24.90 11.82
C ALA A 69 -5.62 -25.23 12.98
N SER A 70 -4.39 -25.50 12.61
CA SER A 70 -3.34 -25.93 13.62
C SER A 70 -2.15 -24.95 13.50
N GLY A 71 -2.12 -24.02 14.43
CA GLY A 71 -1.05 -22.98 14.39
C GLY A 71 -1.28 -21.97 13.26
N ILE A 72 -0.33 -21.06 13.12
CA ILE A 72 -0.39 -20.04 12.04
C ILE A 72 1.01 -19.84 11.40
N THR A 73 0.99 -19.22 10.26
CA THR A 73 2.19 -18.76 9.59
C THR A 73 2.10 -17.25 9.62
N VAL A 74 3.24 -16.58 9.82
CA VAL A 74 3.28 -15.10 9.83
C VAL A 74 4.43 -14.67 8.94
N SER A 75 4.27 -13.45 8.41
CA SER A 75 5.29 -12.87 7.52
C SER A 75 6.28 -11.84 8.13
N THR A 76 6.02 -11.52 9.40
CA THR A 76 6.83 -10.54 10.14
C THR A 76 6.83 -10.94 11.61
N LEU A 77 7.87 -10.50 12.36
CA LEU A 77 7.77 -10.71 13.82
C LEU A 77 6.78 -9.82 14.47
N LYS A 78 6.37 -8.72 13.84
CA LYS A 78 5.26 -7.94 14.45
C LYS A 78 4.00 -8.77 14.51
N GLU A 79 3.70 -9.56 13.45
CA GLU A 79 2.54 -10.42 13.50
C GLU A 79 2.75 -11.47 14.60
N ALA A 80 3.97 -12.02 14.73
CA ALA A 80 4.17 -13.00 15.81
C ALA A 80 3.85 -12.37 17.18
N GLU A 81 4.34 -11.13 17.40
CA GLU A 81 4.02 -10.44 18.67
C GLU A 81 2.49 -10.25 18.88
N GLN A 82 1.80 -9.82 17.83
CA GLN A 82 0.39 -9.61 17.96
C GLN A 82 -0.38 -10.87 18.29
N PHE A 83 -0.15 -11.97 17.54
CA PHE A 83 -0.84 -13.14 17.72
C PHE A 83 -0.45 -13.83 19.01
N PHE A 84 0.83 -13.79 19.39
CA PHE A 84 1.19 -14.33 20.68
C PHE A 84 0.54 -13.56 21.84
N ALA A 85 0.48 -12.22 21.72
CA ALA A 85 -0.13 -11.43 22.87
C ALA A 85 -1.59 -11.83 22.88
N ALA A 86 -2.23 -12.36 21.80
CA ALA A 86 -3.63 -12.84 21.79
C ALA A 86 -3.80 -14.30 22.11
N GLY A 87 -2.72 -15.01 22.55
CA GLY A 87 -2.83 -16.36 22.99
C GLY A 87 -2.45 -17.42 21.98
N THR A 88 -1.96 -17.06 20.79
CA THR A 88 -1.54 -18.12 19.88
C THR A 88 -0.01 -18.40 20.00
N THR A 89 0.35 -19.65 20.22
CA THR A 89 1.78 -19.86 20.55
C THR A 89 2.49 -20.63 19.47
N ASP A 90 1.73 -21.29 18.54
CA ASP A 90 2.34 -22.17 17.53
C ASP A 90 2.46 -21.35 16.23
N ILE A 91 3.62 -20.67 16.10
CA ILE A 91 3.80 -19.62 15.09
C ILE A 91 5.01 -19.93 14.23
N LEU A 92 4.84 -20.00 12.91
CA LEU A 92 5.97 -20.18 11.99
C LEU A 92 6.22 -18.84 11.27
N TYR A 93 7.45 -18.30 11.41
CA TYR A 93 7.82 -17.04 10.70
C TYR A 93 8.48 -17.46 9.43
N ALA A 94 7.65 -17.46 8.35
CA ALA A 94 8.08 -18.08 7.11
C ALA A 94 8.72 -17.09 6.16
N VAL A 95 9.76 -16.40 6.61
CA VAL A 95 10.63 -15.49 5.76
C VAL A 95 12.04 -15.76 6.22
N SER A 96 12.95 -15.99 5.28
CA SER A 96 14.31 -16.35 5.63
C SER A 96 14.82 -15.48 6.73
N MET A 97 15.32 -16.10 7.81
CA MET A 97 15.62 -15.32 9.01
C MET A 97 16.85 -14.36 8.82
N ALA A 98 16.66 -13.10 9.17
CA ALA A 98 17.78 -12.14 9.24
C ALA A 98 18.45 -12.20 10.61
N PRO A 99 19.77 -12.39 10.65
CA PRO A 99 20.43 -12.56 11.96
C PRO A 99 20.10 -11.38 12.93
N HIS A 100 19.97 -10.15 12.44
CA HIS A 100 19.78 -9.02 13.32
C HIS A 100 18.46 -9.12 14.05
N ARG A 101 17.55 -9.97 13.59
CA ARG A 101 16.25 -10.09 14.32
C ARG A 101 16.37 -11.21 15.36
N LEU A 102 17.50 -11.84 15.52
CA LEU A 102 17.59 -12.97 16.50
C LEU A 102 17.25 -12.54 17.95
N PRO A 103 17.65 -11.35 18.40
CA PRO A 103 17.27 -11.01 19.80
C PRO A 103 15.74 -10.95 19.95
N GLN A 104 15.01 -10.49 18.93
CA GLN A 104 13.54 -10.37 18.95
CA GLN A 104 13.55 -10.41 19.06
C GLN A 104 12.97 -11.80 19.00
N ALA A 105 13.49 -12.69 18.20
CA ALA A 105 13.01 -14.06 18.15
C ALA A 105 13.27 -14.73 19.47
N LEU A 106 14.47 -14.53 20.03
CA LEU A 106 14.79 -15.12 21.35
C LEU A 106 13.83 -14.66 22.42
N GLN A 107 13.54 -13.38 22.45
CA GLN A 107 12.70 -12.83 23.54
C GLN A 107 11.25 -13.47 23.40
N LEU A 108 10.80 -13.65 22.18
CA LEU A 108 9.46 -14.29 21.93
C LEU A 108 9.52 -15.72 22.44
N ARG A 109 10.57 -16.49 22.13
CA ARG A 109 10.62 -17.89 22.63
C ARG A 109 10.69 -17.88 24.14
N ARG A 110 11.48 -16.98 24.75
CA ARG A 110 11.66 -17.03 26.22
C ARG A 110 10.30 -16.61 26.92
N ARG A 111 9.48 -15.84 26.23
CA ARG A 111 8.18 -15.40 26.74
C ARG A 111 7.20 -16.60 26.62
N GLY A 112 7.54 -17.68 25.93
CA GLY A 112 6.56 -18.80 25.76
C GLY A 112 6.09 -18.99 24.38
N CYS A 113 6.50 -18.17 23.39
CA CYS A 113 5.92 -18.41 22.03
C CYS A 113 6.72 -19.49 21.37
N ASP A 114 6.06 -20.54 20.78
CA ASP A 114 6.83 -21.64 20.14
C ASP A 114 7.09 -21.22 18.73
N LEU A 115 7.94 -20.20 18.58
CA LEU A 115 8.20 -19.49 17.30
C LEU A 115 9.25 -20.30 16.52
N LYS A 116 8.94 -20.62 15.27
CA LYS A 116 9.83 -21.36 14.36
C LYS A 116 10.33 -20.41 13.32
N LEU A 117 11.61 -20.61 12.96
CA LEU A 117 12.25 -19.77 11.96
C LEU A 117 12.64 -20.66 10.76
N ILE A 118 12.91 -20.00 9.64
CA ILE A 118 13.35 -20.74 8.47
C ILE A 118 14.65 -20.20 7.92
N VAL A 119 15.41 -21.05 7.21
CA VAL A 119 16.67 -20.58 6.57
C VAL A 119 16.85 -21.33 5.26
N ASP A 120 17.71 -20.82 4.36
CA ASP A 120 18.03 -21.53 3.13
C ASP A 120 19.51 -21.39 2.84
N SER A 121 20.32 -21.09 3.87
CA SER A 121 21.81 -20.97 3.66
C SER A 121 22.55 -21.46 4.84
N VAL A 122 23.81 -21.83 4.58
CA VAL A 122 24.75 -22.24 5.65
C VAL A 122 24.97 -21.04 6.57
N ALA A 123 25.18 -19.84 5.99
CA ALA A 123 25.56 -18.69 6.83
C ALA A 123 24.39 -18.32 7.75
N ALA A 124 23.15 -18.33 7.28
CA ALA A 124 22.04 -18.00 8.20
C ALA A 124 21.88 -19.11 9.26
N ALA A 125 22.09 -20.38 8.93
CA ALA A 125 21.95 -21.43 9.93
C ALA A 125 23.04 -21.29 10.98
N GLN A 126 24.26 -20.98 10.51
CA GLN A 126 25.40 -20.75 11.44
C GLN A 126 25.12 -19.59 12.42
N ALA A 127 24.52 -18.52 11.93
CA ALA A 127 24.23 -17.36 12.79
C ALA A 127 23.21 -17.77 13.85
N ILE A 128 22.15 -18.45 13.45
CA ILE A 128 21.20 -18.96 14.42
C ILE A 128 21.79 -19.88 15.44
N ALA A 129 22.54 -20.87 14.95
CA ALA A 129 23.07 -21.87 15.90
C ALA A 129 24.10 -21.26 16.88
N ALA A 130 24.94 -20.33 16.42
CA ALA A 130 25.96 -19.76 17.35
C ALA A 130 25.24 -18.85 18.41
N PHE A 131 24.24 -18.10 17.95
CA PHE A 131 23.49 -17.26 18.87
C PHE A 131 22.72 -18.15 19.87
N GLY A 132 22.06 -19.22 19.39
CA GLY A 132 21.33 -20.18 20.31
C GLY A 132 22.22 -20.78 21.39
N ARG A 133 23.39 -21.22 21.00
CA ARG A 133 24.31 -21.81 21.96
C ARG A 133 24.70 -20.79 22.98
N GLU A 134 25.02 -19.58 22.51
CA GLU A 134 25.45 -18.55 23.48
C GLU A 134 24.34 -18.23 24.51
N GLN A 135 23.09 -18.23 24.01
CA GLN A 135 21.95 -17.69 24.77
C GLN A 135 21.19 -18.82 25.56
N GLY A 136 21.61 -20.02 25.31
CA GLY A 136 20.93 -21.18 25.90
C GLY A 136 19.63 -21.58 25.27
N GLU A 137 19.47 -21.30 23.95
CA GLU A 137 18.19 -21.46 23.31
C GLU A 137 18.30 -22.45 22.13
N ALA A 138 17.54 -23.59 22.14
CA ALA A 138 17.59 -24.51 20.97
C ALA A 138 16.45 -24.04 20.03
N PHE A 139 16.75 -23.02 19.23
CA PHE A 139 15.82 -22.54 18.23
C PHE A 139 15.34 -23.69 17.34
N GLU A 140 14.03 -23.64 17.05
CA GLU A 140 13.51 -24.56 16.02
C GLU A 140 13.56 -23.88 14.66
N VAL A 141 14.24 -24.56 13.70
CA VAL A 141 14.46 -23.93 12.39
C VAL A 141 14.06 -24.98 11.37
N TRP A 142 13.36 -24.51 10.32
CA TRP A 142 13.04 -25.38 9.17
C TRP A 142 13.84 -24.91 8.01
N ILE A 143 14.08 -25.82 7.04
CA ILE A 143 14.83 -25.50 5.83
C ILE A 143 13.87 -25.19 4.69
N GLU A 144 14.04 -24.04 4.03
CA GLU A 144 13.11 -23.67 2.93
C GLU A 144 13.68 -24.30 1.61
N ILE A 145 12.77 -24.89 0.85
CA ILE A 145 13.13 -25.68 -0.34
C ILE A 145 12.43 -24.90 -1.51
N ASP A 146 13.22 -24.78 -2.59
CA ASP A 146 12.81 -24.09 -3.82
C ASP A 146 12.36 -25.28 -4.67
N THR A 147 11.04 -25.39 -4.84
CA THR A 147 10.49 -26.49 -5.69
C THR A 147 10.01 -26.05 -7.09
N ASP A 148 9.91 -24.73 -7.30
CA ASP A 148 9.43 -24.26 -8.61
C ASP A 148 10.10 -23.00 -9.20
N GLY A 149 11.24 -22.57 -8.60
CA GLY A 149 11.99 -21.40 -9.07
C GLY A 149 11.35 -20.04 -8.75
N HIS A 150 10.36 -19.97 -7.87
CA HIS A 150 9.65 -18.71 -7.65
C HIS A 150 10.51 -17.67 -6.95
N ARG A 151 11.28 -18.06 -5.95
CA ARG A 151 11.79 -17.14 -4.83
C ARG A 151 12.93 -17.80 -3.97
N SER A 152 12.75 -17.92 -2.62
CA SER A 152 13.84 -18.44 -1.76
C SER A 152 13.92 -19.97 -1.89
N GLY A 153 15.03 -20.51 -1.35
CA GLY A 153 15.10 -21.89 -1.02
C GLY A 153 16.22 -22.71 -1.64
N VAL A 154 16.50 -23.79 -0.94
CA VAL A 154 17.50 -24.77 -1.38
C VAL A 154 16.83 -25.52 -2.53
N GLY A 155 17.49 -25.62 -3.69
CA GLY A 155 16.96 -26.42 -4.81
C GLY A 155 16.55 -27.81 -4.30
N ALA A 156 15.37 -28.32 -4.69
CA ALA A 156 14.94 -29.67 -4.16
C ALA A 156 15.92 -30.82 -4.53
N ASP A 157 16.69 -30.66 -5.59
CA ASP A 157 17.74 -31.71 -5.81
C ASP A 157 19.18 -31.24 -5.44
N ASP A 158 19.31 -30.08 -4.77
CA ASP A 158 20.63 -29.64 -4.27
C ASP A 158 20.95 -30.26 -2.91
N THR A 159 21.08 -31.58 -2.89
CA THR A 159 21.36 -32.33 -1.67
C THR A 159 22.59 -31.87 -0.88
N PRO A 160 23.71 -31.46 -1.56
CA PRO A 160 24.83 -31.16 -0.65
C PRO A 160 24.53 -29.91 0.23
N LEU A 161 23.91 -28.90 -0.37
CA LEU A 161 23.47 -27.69 0.36
C LEU A 161 22.43 -28.10 1.44
N LEU A 162 21.41 -28.86 1.05
CA LEU A 162 20.41 -29.33 2.03
C LEU A 162 21.05 -29.99 3.26
N LEU A 163 21.95 -31.00 3.04
CA LEU A 163 22.68 -31.64 4.14
C LEU A 163 23.68 -30.77 4.92
N ALA A 164 24.35 -29.84 4.24
CA ALA A 164 25.25 -28.94 4.96
C ALA A 164 24.43 -28.00 5.93
N ILE A 165 23.24 -27.52 5.49
CA ILE A 165 22.43 -26.70 6.38
C ILE A 165 21.86 -27.54 7.49
N GLY A 166 21.35 -28.74 7.17
CA GLY A 166 20.75 -29.58 8.17
C GLY A 166 21.75 -29.98 9.28
N ARG A 167 22.98 -30.32 8.86
CA ARG A 167 24.01 -30.66 9.84
CA ARG A 167 24.11 -30.64 9.76
C ARG A 167 24.45 -29.42 10.63
N THR A 168 24.46 -28.20 10.01
CA THR A 168 24.80 -27.01 10.78
C THR A 168 23.83 -26.83 11.98
N LEU A 169 22.55 -27.06 11.73
CA LEU A 169 21.54 -26.82 12.72
C LEU A 169 21.54 -27.94 13.73
N HIS A 170 21.57 -29.17 13.24
CA HIS A 170 21.45 -30.32 14.13
C HIS A 170 22.72 -30.57 14.93
N ASP A 171 23.88 -30.51 14.28
CA ASP A 171 25.12 -30.63 15.05
C ASP A 171 25.42 -29.40 15.93
N GLY A 172 24.81 -28.24 15.56
CA GLY A 172 24.96 -27.01 16.30
C GLY A 172 24.07 -26.88 17.53
N GLY A 173 23.28 -27.92 17.87
CA GLY A 173 22.40 -27.89 19.02
C GLY A 173 21.00 -27.32 18.85
N MET A 174 20.66 -26.96 17.60
CA MET A 174 19.34 -26.43 17.30
C MET A 174 18.36 -27.57 16.98
N ARG A 175 17.08 -27.22 16.93
CA ARG A 175 16.04 -28.22 16.62
C ARG A 175 15.71 -28.11 15.12
N LEU A 176 16.16 -29.09 14.34
CA LEU A 176 15.83 -29.07 12.93
C LEU A 176 14.45 -29.64 12.84
N GLY A 177 13.48 -28.75 12.58
CA GLY A 177 12.12 -29.08 12.75
C GLY A 177 11.40 -29.62 11.53
N GLY A 178 11.96 -29.41 10.34
CA GLY A 178 11.12 -29.71 9.18
C GLY A 178 11.66 -29.00 7.93
N VAL A 179 10.97 -29.25 6.80
CA VAL A 179 11.22 -28.50 5.52
C VAL A 179 9.95 -27.86 5.10
N LEU A 180 10.07 -26.76 4.34
CA LEU A 180 8.83 -26.15 3.82
C LEU A 180 9.12 -25.60 2.42
N THR A 181 8.04 -25.50 1.68
CA THR A 181 8.17 -24.89 0.33
C THR A 181 6.90 -24.14 0.07
N HIS A 182 6.98 -23.17 -0.87
CA HIS A 182 5.83 -22.43 -1.33
C HIS A 182 5.90 -22.31 -2.83
N ALA A 183 4.98 -22.95 -3.54
CA ALA A 183 5.05 -22.90 -4.99
C ALA A 183 4.35 -21.68 -5.54
N GLY A 184 5.00 -20.54 -5.34
CA GLY A 184 4.32 -19.26 -5.67
C GLY A 184 4.18 -19.09 -7.18
N SER A 185 4.86 -19.92 -7.99
CA SER A 185 4.58 -19.75 -9.44
C SER A 185 3.15 -20.18 -9.77
N SER A 186 2.42 -20.75 -8.80
CA SER A 186 0.98 -21.10 -9.08
C SER A 186 0.20 -19.84 -9.51
N TYR A 187 0.64 -18.66 -9.12
CA TYR A 187 -0.15 -17.43 -9.45
C TYR A 187 -0.09 -17.13 -10.93
N GLU A 188 0.81 -17.77 -11.65
CA GLU A 188 0.93 -17.52 -13.12
C GLU A 188 0.05 -18.47 -13.92
N LEU A 189 -0.58 -19.44 -13.25
CA LEU A 189 -1.44 -20.41 -13.91
C LEU A 189 -2.90 -20.15 -13.92
N ASP A 190 -3.62 -20.86 -14.81
CA ASP A 190 -5.03 -20.60 -14.93
C ASP A 190 -5.82 -21.82 -15.45
N THR A 191 -5.30 -23.06 -15.30
CA THR A 191 -6.01 -24.29 -15.72
C THR A 191 -5.88 -25.31 -14.56
N PRO A 192 -6.90 -26.16 -14.38
CA PRO A 192 -6.85 -27.17 -13.32
C PRO A 192 -5.68 -28.15 -13.58
N GLU A 193 -5.40 -28.46 -14.86
CA GLU A 193 -4.32 -29.43 -15.13
C GLU A 193 -2.96 -28.86 -14.73
N ALA A 194 -2.66 -27.57 -15.08
CA ALA A 194 -1.35 -27.00 -14.75
C ALA A 194 -1.24 -26.86 -13.21
N LEU A 195 -2.34 -26.52 -12.52
CA LEU A 195 -2.28 -26.35 -11.04
C LEU A 195 -2.06 -27.68 -10.37
N GLN A 196 -2.81 -28.70 -10.83
CA GLN A 196 -2.58 -30.02 -10.27
C GLN A 196 -1.11 -30.50 -10.45
N ALA A 197 -0.54 -30.27 -11.62
CA ALA A 197 0.81 -30.76 -11.87
C ALA A 197 1.81 -29.99 -11.01
N LEU A 198 1.62 -28.67 -10.91
CA LEU A 198 2.50 -27.88 -10.04
C LEU A 198 2.33 -28.34 -8.60
N ALA A 199 1.12 -28.59 -8.14
CA ALA A 199 0.92 -29.07 -6.74
C ALA A 199 1.63 -30.37 -6.49
N GLU A 200 1.72 -31.23 -7.53
CA GLU A 200 2.45 -32.49 -7.41
C GLU A 200 3.97 -32.26 -7.38
N ARG A 201 4.47 -31.25 -8.12
CA ARG A 201 5.91 -30.93 -8.17
C ARG A 201 6.35 -30.34 -6.81
N GLU A 202 5.41 -29.54 -6.21
CA GLU A 202 5.65 -28.89 -4.91
C GLU A 202 5.74 -30.02 -3.85
N ARG A 203 4.74 -30.90 -3.87
CA ARG A 203 4.70 -32.00 -2.87
C ARG A 203 5.93 -32.88 -3.05
N ALA A 204 6.17 -33.30 -4.29
CA ALA A 204 7.30 -34.22 -4.50
C ALA A 204 8.66 -33.63 -4.09
N GLY A 205 8.88 -32.34 -4.40
CA GLY A 205 10.18 -31.72 -4.07
C GLY A 205 10.35 -31.56 -2.57
N CYS A 206 9.26 -31.21 -1.88
CA CYS A 206 9.38 -30.98 -0.44
C CYS A 206 9.60 -32.33 0.25
N VAL A 207 8.84 -33.37 -0.20
CA VAL A 207 9.06 -34.73 0.38
C VAL A 207 10.46 -35.28 0.07
N GLN A 208 10.95 -35.02 -1.13
CA GLN A 208 12.31 -35.47 -1.53
C GLN A 208 13.35 -34.88 -0.56
N ALA A 209 13.21 -33.58 -0.26
CA ALA A 209 14.19 -32.96 0.68
C ALA A 209 14.09 -33.60 2.05
N ALA A 210 12.87 -33.82 2.54
CA ALA A 210 12.69 -34.51 3.86
C ALA A 210 13.30 -35.90 3.83
N GLU A 211 13.04 -36.64 2.76
CA GLU A 211 13.62 -37.99 2.72
C GLU A 211 15.16 -37.94 2.70
N ALA A 212 15.73 -36.98 1.96
CA ALA A 212 17.21 -36.83 1.89
C ALA A 212 17.78 -36.50 3.30
N LEU A 213 17.07 -35.66 4.08
CA LEU A 213 17.53 -35.36 5.47
C LEU A 213 17.50 -36.62 6.30
N ARG A 214 16.38 -37.35 6.23
CA ARG A 214 16.15 -38.54 7.05
C ARG A 214 17.17 -39.61 6.66
N ALA A 215 17.47 -39.69 5.34
CA ALA A 215 18.40 -40.71 4.84
C ALA A 215 19.83 -40.49 5.40
N ALA A 216 20.14 -39.20 5.63
CA ALA A 216 21.39 -38.75 6.28
C ALA A 216 21.36 -38.85 7.82
N GLY A 217 20.30 -39.41 8.42
CA GLY A 217 20.22 -39.52 9.89
C GLY A 217 19.84 -38.19 10.56
N LEU A 218 19.29 -37.25 9.82
CA LEU A 218 18.87 -35.96 10.43
C LEU A 218 17.34 -35.98 10.70
N PRO A 219 16.88 -35.30 11.78
CA PRO A 219 15.45 -35.19 12.00
C PRO A 219 14.76 -34.32 10.95
N CYS A 220 13.54 -34.69 10.54
CA CYS A 220 12.76 -33.77 9.72
C CYS A 220 11.26 -34.11 9.93
N PRO A 221 10.65 -33.71 11.08
CA PRO A 221 9.30 -34.24 11.39
C PRO A 221 8.18 -33.55 10.60
N VAL A 222 8.42 -32.33 10.19
CA VAL A 222 7.42 -31.56 9.47
C VAL A 222 7.77 -31.41 7.99
N VAL A 223 6.77 -31.64 7.12
CA VAL A 223 6.91 -31.37 5.66
C VAL A 223 5.77 -30.41 5.36
N SER A 224 6.09 -29.14 5.04
CA SER A 224 5.01 -28.14 4.96
C SER A 224 5.01 -27.57 3.55
N VAL A 225 3.89 -27.60 2.87
CA VAL A 225 3.78 -27.04 1.46
C VAL A 225 2.68 -26.00 1.45
N GLY A 226 2.62 -25.26 0.33
CA GLY A 226 1.32 -24.60 0.07
C GLY A 226 1.39 -23.23 -0.60
N SER A 227 0.33 -23.05 -1.35
CA SER A 227 -0.19 -21.74 -1.75
C SER A 227 -1.65 -21.95 -1.87
N THR A 228 -2.45 -20.90 -1.93
CA THR A 228 -3.91 -21.17 -2.02
C THR A 228 -4.24 -22.00 -3.28
N PRO A 229 -3.70 -21.65 -4.49
CA PRO A 229 -4.10 -22.41 -5.67
C PRO A 229 -3.63 -23.89 -5.63
N THR A 230 -2.41 -24.16 -5.12
CA THR A 230 -1.96 -25.57 -5.06
C THR A 230 -2.66 -26.32 -3.90
N ALA A 231 -3.06 -25.60 -2.84
CA ALA A 231 -3.75 -26.29 -1.74
C ALA A 231 -5.13 -26.79 -2.26
N LEU A 232 -5.77 -26.01 -3.12
CA LEU A 232 -7.12 -26.34 -3.66
C LEU A 232 -7.05 -27.28 -4.86
N ALA A 233 -5.90 -27.36 -5.53
CA ALA A 233 -5.74 -28.20 -6.73
C ALA A 233 -5.07 -29.54 -6.49
N ALA A 234 -4.35 -29.74 -5.39
CA ALA A 234 -3.57 -30.98 -5.26
C ALA A 234 -4.46 -32.21 -5.22
N SER A 235 -4.08 -33.22 -6.01
CA SER A 235 -4.89 -34.41 -6.00
C SER A 235 -4.53 -35.27 -4.81
N ARG A 236 -3.26 -35.32 -4.41
CA ARG A 236 -2.86 -36.10 -3.24
CA ARG A 236 -2.78 -36.17 -3.31
C ARG A 236 -1.66 -35.43 -2.58
N LEU A 237 -1.52 -35.71 -1.30
CA LEU A 237 -0.51 -35.02 -0.47
C LEU A 237 0.28 -36.00 0.40
N ASP A 238 0.63 -37.20 -0.16
CA ASP A 238 1.39 -38.14 0.59
C ASP A 238 2.70 -37.57 1.03
N GLY A 239 3.13 -37.85 2.25
CA GLY A 239 4.41 -37.36 2.73
C GLY A 239 4.34 -35.99 3.38
N VAL A 240 3.22 -35.28 3.20
CA VAL A 240 3.08 -33.86 3.69
C VAL A 240 2.42 -33.87 5.08
N THR A 241 2.88 -33.03 5.99
CA THR A 241 2.24 -33.01 7.28
CA THR A 241 2.28 -32.94 7.31
C THR A 241 1.26 -31.78 7.39
N GLU A 242 1.53 -30.70 6.63
CA GLU A 242 0.66 -29.53 6.78
C GLU A 242 0.76 -28.71 5.49
N VAL A 243 -0.31 -27.98 5.29
CA VAL A 243 -0.42 -27.03 4.15
C VAL A 243 -0.60 -25.65 4.72
N ARG A 244 0.12 -24.70 4.11
CA ARG A 244 -0.03 -23.27 4.46
C ARG A 244 -0.78 -22.57 3.37
N ALA A 245 -1.86 -21.88 3.75
CA ALA A 245 -2.59 -21.10 2.72
C ALA A 245 -3.15 -19.91 3.48
N GLY A 246 -3.29 -18.78 2.75
CA GLY A 246 -3.77 -17.56 3.46
C GLY A 246 -4.82 -16.78 2.65
N VAL A 247 -4.55 -16.52 1.35
CA VAL A 247 -5.51 -15.59 0.70
C VAL A 247 -6.90 -16.18 0.55
N TYR A 248 -7.01 -17.50 0.63
CA TYR A 248 -8.31 -18.14 0.43
C TYR A 248 -9.36 -17.64 1.44
N VAL A 249 -8.92 -17.15 2.63
CA VAL A 249 -9.92 -16.75 3.65
C VAL A 249 -10.87 -15.67 3.06
N PHE A 250 -10.34 -14.81 2.16
CA PHE A 250 -11.26 -13.86 1.52
C PHE A 250 -11.40 -14.13 0.06
N PHE A 251 -10.38 -14.71 -0.58
CA PHE A 251 -10.28 -14.74 -2.09
C PHE A 251 -10.20 -13.31 -2.66
N ASP A 252 -10.06 -13.27 -3.99
CA ASP A 252 -9.88 -11.98 -4.70
C ASP A 252 -9.97 -12.30 -6.18
N LEU A 253 -9.83 -11.25 -7.01
CA LEU A 253 -10.03 -11.46 -8.44
C LEU A 253 -8.84 -12.18 -9.12
N VAL A 254 -7.62 -11.99 -8.58
CA VAL A 254 -6.49 -12.80 -9.04
C VAL A 254 -6.84 -14.31 -8.92
N MET A 255 -7.33 -14.67 -7.71
CA MET A 255 -7.72 -16.09 -7.52
C MET A 255 -8.86 -16.50 -8.41
N ARG A 256 -9.82 -15.59 -8.69
CA ARG A 256 -10.87 -15.96 -9.59
C ARG A 256 -10.34 -16.30 -10.97
N ASN A 257 -9.38 -15.46 -11.45
CA ASN A 257 -8.82 -15.71 -12.76
C ASN A 257 -7.91 -16.95 -12.80
N ILE A 258 -7.26 -17.23 -11.68
CA ILE A 258 -6.48 -18.51 -11.63
C ILE A 258 -7.44 -19.71 -11.76
N GLY A 259 -8.70 -19.51 -11.29
CA GLY A 259 -9.75 -20.45 -11.50
C GLY A 259 -10.09 -21.20 -10.24
N VAL A 260 -9.62 -20.73 -9.10
CA VAL A 260 -9.87 -21.53 -7.88
C VAL A 260 -11.08 -20.97 -7.12
N CYS A 261 -11.66 -19.87 -7.56
CA CYS A 261 -12.93 -19.42 -6.92
C CYS A 261 -13.73 -18.64 -7.95
N ALA A 262 -14.95 -18.26 -7.58
CA ALA A 262 -15.79 -17.37 -8.43
C ALA A 262 -15.78 -15.98 -7.82
N ALA A 263 -16.14 -14.96 -8.61
CA ALA A 263 -16.22 -13.62 -8.00
C ALA A 263 -17.17 -13.54 -6.79
N GLU A 264 -18.26 -14.29 -6.87
CA GLU A 264 -19.28 -14.38 -5.83
C GLU A 264 -18.71 -14.95 -4.53
N ASP A 265 -17.52 -15.60 -4.50
CA ASP A 265 -16.92 -16.15 -3.28
C ASP A 265 -16.05 -15.14 -2.59
N VAL A 266 -15.76 -13.99 -3.23
CA VAL A 266 -14.81 -13.07 -2.66
C VAL A 266 -15.49 -12.32 -1.49
N ALA A 267 -14.85 -12.49 -0.29
CA ALA A 267 -15.50 -12.05 0.93
C ALA A 267 -15.06 -10.67 1.32
N LEU A 268 -14.06 -10.08 0.71
CA LEU A 268 -13.57 -8.70 1.08
C LEU A 268 -13.92 -7.77 -0.09
N SER A 269 -14.59 -6.69 0.32
CA SER A 269 -14.90 -5.65 -0.72
C SER A 269 -14.65 -4.33 -0.07
N VAL A 270 -14.46 -3.31 -0.91
CA VAL A 270 -14.26 -1.94 -0.42
C VAL A 270 -15.53 -1.10 -0.70
N LEU A 271 -16.13 -0.68 0.41
CA LEU A 271 -17.35 0.17 0.30
C LEU A 271 -16.91 1.56 -0.11
N ALA A 272 -17.57 2.10 -1.10
CA ALA A 272 -17.13 3.41 -1.67
C ALA A 272 -18.36 4.22 -1.95
N THR A 273 -18.21 5.57 -1.95
CA THR A 273 -19.30 6.49 -2.35
C THR A 273 -19.01 7.14 -3.66
N VAL A 274 -20.04 7.35 -4.49
CA VAL A 274 -19.89 8.18 -5.74
C VAL A 274 -19.87 9.61 -5.28
N ILE A 275 -18.74 10.30 -5.63
CA ILE A 275 -18.62 11.76 -5.29
C ILE A 275 -18.62 12.65 -6.46
N GLY A 276 -18.82 12.13 -7.67
CA GLY A 276 -18.96 13.01 -8.85
C GLY A 276 -18.92 12.19 -10.13
N HIS A 277 -18.86 12.87 -11.26
CA HIS A 277 -18.94 12.17 -12.56
C HIS A 277 -18.20 12.96 -13.60
N GLN A 278 -17.86 12.26 -14.68
CA GLN A 278 -17.42 12.94 -15.91
C GLN A 278 -18.37 12.40 -16.97
N ALA A 279 -19.36 13.17 -17.25
CA ALA A 279 -20.46 12.68 -18.12
C ALA A 279 -19.98 12.33 -19.54
N ASP A 280 -19.11 13.19 -20.11
CA ASP A 280 -18.77 12.91 -21.53
C ASP A 280 -17.98 11.61 -21.60
N LYS A 281 -17.23 11.23 -20.59
CA LYS A 281 -16.39 10.01 -20.70
C LYS A 281 -17.15 8.82 -20.13
N GLY A 282 -18.31 9.11 -19.56
CA GLY A 282 -19.09 8.05 -18.88
C GLY A 282 -18.45 7.53 -17.59
N TRP A 283 -17.85 8.48 -16.83
CA TRP A 283 -17.18 8.08 -15.59
C TRP A 283 -17.99 8.44 -14.34
N ALA A 284 -18.02 7.52 -13.39
CA ALA A 284 -18.44 7.92 -12.03
C ALA A 284 -17.19 7.98 -11.21
N ILE A 285 -17.01 8.99 -10.38
CA ILE A 285 -15.83 9.09 -9.55
C ILE A 285 -16.21 8.68 -8.11
N VAL A 286 -15.41 7.77 -7.58
CA VAL A 286 -15.68 7.24 -6.25
C VAL A 286 -14.56 7.60 -5.34
N ASP A 287 -14.85 7.51 -4.02
CA ASP A 287 -13.81 7.86 -3.01
C ASP A 287 -12.94 6.71 -2.61
N ALA A 288 -12.94 5.67 -3.40
CA ALA A 288 -11.91 4.59 -3.26
C ALA A 288 -10.95 4.69 -4.40
N GLY A 289 -9.82 5.36 -4.07
CA GLY A 289 -8.69 5.36 -5.05
C GLY A 289 -7.68 4.27 -4.69
N TRP A 290 -6.44 4.44 -5.20
CA TRP A 290 -5.46 3.36 -4.91
C TRP A 290 -5.09 3.39 -3.44
N MET A 291 -5.30 4.50 -2.68
CA MET A 291 -5.00 4.37 -1.26
C MET A 291 -5.93 3.35 -0.58
N ALA A 292 -7.17 3.26 -1.09
CA ALA A 292 -8.08 2.23 -0.58
C ALA A 292 -7.78 0.86 -1.25
N MET A 293 -7.70 0.83 -2.57
CA MET A 293 -7.58 -0.46 -3.21
C MET A 293 -6.21 -1.08 -3.19
N SER A 294 -5.19 -0.26 -2.93
CA SER A 294 -3.77 -0.53 -3.23
C SER A 294 -3.52 -0.32 -4.69
N ARG A 295 -2.20 -0.26 -5.00
CA ARG A 295 -1.77 -0.21 -6.42
C ARG A 295 -1.68 -1.59 -7.09
N ASP A 296 -2.14 -2.69 -6.38
CA ASP A 296 -1.98 -3.98 -7.04
C ASP A 296 -2.84 -4.09 -8.31
N ARG A 297 -2.17 -4.52 -9.37
CA ARG A 297 -2.87 -4.68 -10.64
C ARG A 297 -2.56 -6.12 -11.21
N GLY A 298 -2.66 -7.03 -10.26
CA GLY A 298 -2.38 -8.47 -10.63
C GLY A 298 -3.25 -8.99 -11.73
N THR A 299 -4.49 -8.49 -11.89
CA THR A 299 -5.31 -9.03 -12.96
C THR A 299 -4.92 -8.57 -14.39
N ALA A 300 -4.10 -7.49 -14.46
CA ALA A 300 -3.68 -6.97 -15.76
C ALA A 300 -2.93 -8.03 -16.57
N ARG A 301 -2.19 -8.88 -15.89
CA ARG A 301 -1.32 -9.88 -16.58
C ARG A 301 -2.13 -11.19 -16.74
N GLN A 302 -3.46 -11.19 -16.50
CA GLN A 302 -4.35 -12.36 -16.57
C GLN A 302 -5.31 -12.25 -17.70
N LYS A 303 -6.17 -13.25 -17.84
CA LYS A 303 -7.00 -13.25 -19.01
C LYS A 303 -8.21 -12.32 -18.97
N GLN A 304 -8.55 -11.84 -17.79
CA GLN A 304 -9.56 -10.79 -17.71
C GLN A 304 -9.04 -9.72 -16.72
N ASP A 305 -8.83 -8.51 -17.29
CA ASP A 305 -8.34 -7.37 -16.47
C ASP A 305 -9.48 -6.63 -15.79
N PHE A 306 -9.42 -6.57 -14.49
CA PHE A 306 -10.46 -5.92 -13.71
C PHE A 306 -10.06 -4.46 -13.29
N GLY A 307 -9.02 -3.94 -13.92
CA GLY A 307 -8.63 -2.56 -13.46
C GLY A 307 -8.26 -2.56 -12.02
N TYR A 308 -8.71 -1.51 -11.31
CA TYR A 308 -8.52 -1.45 -9.86
C TYR A 308 -9.66 -2.08 -9.02
N GLY A 309 -10.51 -2.79 -9.76
CA GLY A 309 -11.47 -3.67 -9.00
C GLY A 309 -12.80 -3.80 -9.70
N GLN A 310 -13.51 -4.83 -9.29
CA GLN A 310 -14.81 -5.15 -9.91
C GLN A 310 -15.90 -4.46 -9.11
N VAL A 311 -16.78 -3.73 -9.78
CA VAL A 311 -17.87 -3.01 -9.07
C VAL A 311 -19.00 -4.03 -8.75
N CYS A 312 -19.51 -3.80 -7.51
CA CYS A 312 -20.73 -4.53 -7.05
C CYS A 312 -21.66 -3.47 -6.42
N ASP A 313 -22.94 -3.81 -6.39
CA ASP A 313 -23.82 -2.83 -5.79
C ASP A 313 -23.70 -3.02 -4.24
N LEU A 314 -24.52 -2.17 -3.51
CA LEU A 314 -24.42 -2.15 -2.07
C LEU A 314 -24.76 -3.44 -1.44
N GLN A 315 -25.61 -4.21 -2.11
CA GLN A 315 -25.94 -5.58 -1.64
C GLN A 315 -24.91 -6.61 -1.93
N GLY A 316 -23.86 -6.26 -2.67
CA GLY A 316 -22.83 -7.15 -2.99
C GLY A 316 -23.06 -7.84 -4.33
N ARG A 317 -24.10 -7.51 -5.06
CA ARG A 317 -24.43 -8.15 -6.45
C ARG A 317 -23.24 -7.65 -7.34
N VAL A 318 -22.57 -8.61 -8.02
CA VAL A 318 -21.51 -8.17 -8.97
C VAL A 318 -22.23 -7.54 -10.16
N MET A 319 -21.59 -6.44 -10.65
CA MET A 319 -22.09 -5.66 -11.82
C MET A 319 -21.11 -5.81 -12.98
N PRO A 320 -21.22 -6.93 -13.71
CA PRO A 320 -20.20 -7.23 -14.73
C PRO A 320 -20.13 -6.09 -15.73
N GLY A 321 -18.90 -5.92 -16.21
CA GLY A 321 -18.90 -4.81 -17.21
C GLY A 321 -18.60 -3.41 -16.57
N PHE A 322 -18.84 -3.19 -15.25
CA PHE A 322 -18.28 -1.92 -14.62
C PHE A 322 -17.14 -2.34 -13.76
N VAL A 323 -16.03 -1.60 -13.94
CA VAL A 323 -14.82 -1.78 -13.11
C VAL A 323 -14.21 -0.37 -12.77
N LEU A 324 -13.27 -0.41 -11.86
CA LEU A 324 -12.48 0.86 -11.68
C LEU A 324 -11.39 0.85 -12.77
N THR A 325 -11.59 1.66 -13.80
CA THR A 325 -10.66 1.62 -14.91
C THR A 325 -9.39 2.41 -14.56
N GLY A 326 -9.52 3.26 -13.56
CA GLY A 326 -8.28 4.03 -13.15
C GLY A 326 -8.42 4.47 -11.72
N ALA A 327 -7.31 4.96 -11.15
CA ALA A 327 -7.32 5.38 -9.75
C ALA A 327 -6.21 6.39 -9.49
N ASN A 328 -6.60 7.49 -8.82
CA ASN A 328 -5.58 8.34 -8.18
C ASN A 328 -5.58 8.05 -6.69
N GLN A 329 -4.92 8.85 -5.87
CA GLN A 329 -4.76 8.40 -4.46
C GLN A 329 -6.09 8.18 -3.73
N GLU A 330 -6.94 9.22 -3.83
CA GLU A 330 -8.24 9.19 -3.12
C GLU A 330 -9.40 9.24 -4.07
N HIS A 331 -9.20 9.03 -5.37
CA HIS A 331 -10.33 9.06 -6.34
C HIS A 331 -10.21 7.82 -7.20
N GLY A 332 -11.28 7.07 -7.28
CA GLY A 332 -11.34 5.92 -8.24
C GLY A 332 -12.25 6.26 -9.38
N ILE A 333 -11.88 5.80 -10.58
CA ILE A 333 -12.63 6.12 -11.78
C ILE A 333 -13.41 4.86 -12.18
N LEU A 334 -14.73 4.91 -12.01
CA LEU A 334 -15.63 3.73 -12.35
C LEU A 334 -16.09 4.01 -13.75
N ALA A 335 -15.98 2.99 -14.63
CA ALA A 335 -16.42 3.14 -16.00
C ALA A 335 -16.68 1.75 -16.63
N ARG A 336 -17.16 1.81 -17.85
CA ARG A 336 -17.42 0.48 -18.54
C ARG A 336 -16.12 -0.19 -18.85
N ALA A 337 -16.09 -1.51 -18.54
CA ALA A 337 -14.94 -2.24 -18.95
C ALA A 337 -14.90 -2.33 -20.43
N ASP A 338 -16.02 -2.21 -21.21
CA ASP A 338 -15.91 -2.39 -22.67
C ASP A 338 -15.35 -1.14 -23.34
N GLY A 339 -14.97 -0.11 -22.52
CA GLY A 339 -14.35 1.11 -23.13
C GLY A 339 -15.30 2.12 -23.55
N ALA A 340 -16.64 1.81 -23.68
CA ALA A 340 -17.55 2.79 -24.15
C ALA A 340 -17.88 3.82 -23.03
N ALA A 341 -18.46 4.94 -23.46
CA ALA A 341 -18.78 5.99 -22.43
C ALA A 341 -20.24 5.72 -22.13
N GLU A 342 -20.52 5.18 -20.94
CA GLU A 342 -21.85 4.99 -20.52
C GLU A 342 -22.61 6.31 -20.67
N ALA A 343 -23.77 6.28 -21.31
CA ALA A 343 -24.62 7.46 -21.46
C ALA A 343 -25.25 7.73 -20.08
N ASP A 344 -25.39 8.98 -19.79
CA ASP A 344 -26.08 9.39 -18.54
C ASP A 344 -25.66 8.62 -17.28
N ILE A 345 -24.33 8.56 -17.10
CA ILE A 345 -23.77 7.78 -15.99
C ILE A 345 -24.32 8.35 -14.65
N ALA A 346 -24.57 9.63 -14.54
CA ALA A 346 -25.00 10.24 -13.21
C ALA A 346 -26.41 9.82 -12.91
N THR A 347 -27.10 9.46 -13.98
CA THR A 347 -28.57 9.07 -13.81
C THR A 347 -28.60 7.67 -13.22
N ARG A 348 -27.63 6.78 -13.52
CA ARG A 348 -27.51 5.49 -13.02
C ARG A 348 -26.91 5.38 -11.58
N PHE A 349 -25.89 6.25 -11.39
CA PHE A 349 -25.18 6.28 -10.09
C PHE A 349 -25.19 7.68 -9.55
N PRO A 350 -26.25 8.16 -8.97
CA PRO A 350 -26.33 9.53 -8.48
C PRO A 350 -25.31 9.77 -7.37
N LEU A 351 -24.92 11.09 -7.23
CA LEU A 351 -24.08 11.46 -6.08
C LEU A 351 -24.49 10.81 -4.80
N GLY A 352 -23.55 10.22 -4.14
CA GLY A 352 -23.83 9.66 -2.81
C GLY A 352 -24.13 8.16 -2.88
N THR A 353 -24.33 7.64 -4.08
CA THR A 353 -24.61 6.15 -4.17
C THR A 353 -23.47 5.38 -3.62
N ARG A 354 -23.76 4.30 -2.93
CA ARG A 354 -22.68 3.51 -2.33
C ARG A 354 -22.53 2.18 -3.15
N LEU A 355 -21.28 1.81 -3.38
CA LEU A 355 -20.97 0.59 -4.17
C LEU A 355 -19.89 -0.15 -3.40
N ARG A 356 -19.62 -1.40 -3.83
CA ARG A 356 -18.60 -2.20 -3.11
C ARG A 356 -17.67 -2.71 -4.20
N ILE A 357 -16.35 -2.62 -3.98
CA ILE A 357 -15.40 -3.00 -5.04
C ILE A 357 -14.61 -4.21 -4.61
N LEU A 358 -14.63 -5.23 -5.50
CA LEU A 358 -13.81 -6.42 -5.16
C LEU A 358 -12.36 -6.15 -5.56
N PRO A 359 -11.41 -6.64 -4.77
CA PRO A 359 -9.99 -6.30 -5.00
C PRO A 359 -9.32 -7.26 -5.94
N ASN A 360 -8.27 -6.75 -6.58
CA ASN A 360 -7.36 -7.62 -7.32
C ASN A 360 -6.72 -8.61 -6.33
N HIS A 361 -6.16 -8.11 -5.22
CA HIS A 361 -5.33 -8.95 -4.35
C HIS A 361 -5.72 -8.63 -2.94
N ALA A 362 -6.38 -9.60 -2.25
CA ALA A 362 -6.92 -9.26 -0.95
C ALA A 362 -5.82 -8.84 0.05
N CYS A 363 -4.65 -9.47 -0.01
CA CYS A 363 -3.60 -9.16 1.00
C CYS A 363 -3.15 -7.70 0.84
N ALA A 364 -3.16 -7.20 -0.43
CA ALA A 364 -2.65 -5.85 -0.68
C ALA A 364 -3.75 -4.83 -0.24
N THR A 365 -5.03 -5.13 -0.65
CA THR A 365 -6.09 -4.15 -0.32
C THR A 365 -6.29 -4.06 1.18
N GLY A 366 -6.27 -5.21 1.88
CA GLY A 366 -6.52 -5.22 3.37
C GLY A 366 -5.49 -4.36 4.11
N ALA A 367 -4.23 -4.41 3.60
CA ALA A 367 -3.18 -3.70 4.29
C ALA A 367 -3.34 -2.17 4.23
N GLN A 368 -4.21 -1.70 3.34
CA GLN A 368 -4.46 -0.26 3.29
CA GLN A 368 -4.47 -0.25 3.28
C GLN A 368 -5.36 0.24 4.42
N PHE A 369 -5.98 -0.69 5.21
CA PHE A 369 -6.96 -0.22 6.18
C PHE A 369 -6.54 -0.51 7.62
N PRO A 370 -6.78 0.37 8.55
CA PRO A 370 -6.52 0.09 9.94
C PRO A 370 -7.39 -1.08 10.49
N ALA A 371 -8.51 -1.34 9.84
CA ALA A 371 -9.47 -2.34 10.39
C ALA A 371 -10.39 -2.72 9.24
N TYR A 372 -10.97 -3.92 9.49
CA TYR A 372 -12.11 -4.40 8.65
C TYR A 372 -13.42 -4.07 9.35
N GLN A 373 -14.50 -4.06 8.51
CA GLN A 373 -15.84 -3.98 9.09
C GLN A 373 -16.48 -5.31 8.81
N ALA A 374 -16.68 -6.08 9.85
CA ALA A 374 -17.19 -7.53 9.69
C ALA A 374 -18.69 -7.42 9.67
N LEU A 375 -19.28 -7.80 8.49
CA LEU A 375 -20.70 -7.67 8.19
C LEU A 375 -21.50 -8.98 8.53
N ALA A 376 -22.43 -8.82 9.44
CA ALA A 376 -23.31 -9.93 9.92
C ALA A 376 -24.46 -10.07 9.03
N ALA A 377 -25.15 -11.21 9.26
CA ALA A 377 -26.41 -11.45 8.54
C ALA A 377 -27.48 -10.39 8.67
N ASP A 378 -27.60 -9.77 9.84
CA ASP A 378 -28.62 -8.73 9.98
C ASP A 378 -28.21 -7.38 9.36
N GLY A 379 -26.99 -7.27 8.77
CA GLY A 379 -26.65 -5.96 8.09
C GLY A 379 -25.77 -5.10 9.03
N SER A 380 -25.67 -5.53 10.29
CA SER A 380 -24.79 -4.72 11.20
C SER A 380 -23.37 -5.11 10.98
N VAL A 381 -22.51 -4.16 11.40
CA VAL A 381 -21.02 -4.39 11.29
C VAL A 381 -20.33 -4.25 12.62
N GLN A 382 -19.21 -4.97 12.76
CA GLN A 382 -18.36 -4.85 13.98
C GLN A 382 -16.96 -4.58 13.42
N THR A 383 -16.22 -3.61 14.05
CA THR A 383 -14.88 -3.27 13.54
C THR A 383 -13.85 -4.27 14.08
N TRP A 384 -13.11 -4.82 13.13
CA TRP A 384 -12.03 -5.83 13.53
C TRP A 384 -10.70 -5.23 13.06
N GLU A 385 -9.96 -4.76 14.09
CA GLU A 385 -8.65 -4.18 13.80
C GLU A 385 -7.69 -5.13 13.16
N ARG A 386 -6.78 -4.60 12.38
CA ARG A 386 -5.68 -5.42 11.87
C ARG A 386 -4.33 -4.67 11.98
N LEU A 387 -3.24 -5.39 11.75
CA LEU A 387 -1.90 -4.81 12.02
C LEU A 387 -1.35 -4.11 10.77
N HIS A 388 -0.58 -3.02 11.03
CA HIS A 388 0.12 -2.27 10.00
C HIS A 388 1.57 -2.13 10.49
N GLY A 389 2.48 -2.28 9.53
CA GLY A 389 3.90 -2.03 9.85
C GLY A 389 4.73 -3.21 10.31
N TRP A 390 5.82 -2.91 10.97
CA TRP A 390 6.80 -3.93 11.32
C TRP A 390 7.22 -3.71 12.73
N HIS B 2 24.19 13.70 34.18
CA HIS B 2 23.05 14.14 33.30
C HIS B 2 22.14 12.96 32.93
N HIS B 3 21.24 12.61 33.86
CA HIS B 3 20.37 11.40 33.79
C HIS B 3 19.61 11.24 32.49
N HIS B 4 18.86 12.28 32.06
CA HIS B 4 18.19 12.22 30.73
C HIS B 4 19.13 12.06 29.52
N HIS B 5 20.22 12.84 29.50
CA HIS B 5 21.24 12.74 28.45
C HIS B 5 21.74 11.30 28.29
N HIS B 6 22.33 10.75 29.36
CA HIS B 6 22.95 9.38 29.30
C HIS B 6 21.93 8.35 28.86
N HIS B 7 20.70 8.43 29.39
CA HIS B 7 19.66 7.47 28.95
C HIS B 7 19.25 7.64 27.52
N ALA B 8 18.97 8.89 27.09
CA ALA B 8 18.61 9.19 25.67
C ALA B 8 19.71 8.67 24.70
N MET B 9 21.00 8.92 25.01
CA MET B 9 22.16 8.41 24.22
C MET B 9 22.07 6.89 24.03
N SER B 10 21.86 6.17 25.15
CA SER B 10 21.75 4.70 25.15
C SER B 10 20.58 4.17 24.27
N MET B 11 19.57 5.02 24.01
CA MET B 11 18.33 4.58 23.39
C MET B 11 18.33 5.02 21.93
N GLN B 12 19.27 5.90 21.58
CA GLN B 12 19.25 6.55 20.27
C GLN B 12 19.50 5.58 19.09
N ASP B 13 18.65 5.61 18.07
CA ASP B 13 18.84 4.74 16.87
C ASP B 13 19.64 5.38 15.70
N THR B 14 20.25 4.54 14.87
CA THR B 14 20.90 5.03 13.65
C THR B 14 20.49 4.06 12.57
N LEU B 15 20.97 4.23 11.35
CA LEU B 15 20.63 3.29 10.28
C LEU B 15 21.21 1.91 10.50
N LEU B 16 22.20 1.75 11.40
CA LEU B 16 22.65 0.42 11.70
C LEU B 16 21.79 -0.34 12.70
N THR B 17 21.01 0.34 13.50
CA THR B 17 20.39 -0.27 14.64
C THR B 17 18.87 -0.38 14.40
N LEU B 18 18.29 0.37 13.46
CA LEU B 18 16.86 0.23 13.14
C LEU B 18 16.56 -1.20 12.66
N ASP B 19 15.37 -1.68 12.96
CA ASP B 19 14.92 -2.92 12.29
C ASP B 19 14.50 -2.47 10.88
N THR B 20 14.57 -3.43 9.95
CA THR B 20 14.16 -3.17 8.56
C THR B 20 12.93 -4.00 8.20
N PRO B 21 12.16 -3.60 7.25
CA PRO B 21 12.34 -2.36 6.49
C PRO B 21 11.89 -1.13 7.30
N ALA B 22 12.43 0.02 6.90
CA ALA B 22 12.06 1.35 7.51
C ALA B 22 12.05 2.43 6.45
N ALA B 23 11.19 3.41 6.62
CA ALA B 23 11.12 4.48 5.68
C ALA B 23 11.96 5.68 6.23
N VAL B 24 13.03 6.01 5.55
CA VAL B 24 14.01 6.97 6.09
C VAL B 24 13.85 8.27 5.31
N ILE B 25 13.67 9.37 6.07
CA ILE B 25 13.71 10.69 5.40
C ILE B 25 15.10 11.29 5.65
N ASP B 26 15.83 11.55 4.54
CA ASP B 26 17.08 12.34 4.68
C ASP B 26 16.72 13.82 4.85
N LEU B 27 16.84 14.28 6.07
CA LEU B 27 16.33 15.60 6.40
C LEU B 27 17.05 16.75 5.67
N ASP B 28 18.34 16.58 5.36
CA ASP B 28 19.01 17.61 4.56
C ASP B 28 18.37 17.71 3.16
N ARG B 29 18.10 16.54 2.53
CA ARG B 29 17.48 16.56 1.17
C ARG B 29 16.10 17.12 1.29
N MET B 30 15.36 16.74 2.32
CA MET B 30 14.01 17.24 2.48
C MET B 30 14.02 18.78 2.62
N GLN B 31 14.93 19.27 3.44
CA GLN B 31 14.95 20.71 3.58
C GLN B 31 15.34 21.39 2.30
N ARG B 32 16.21 20.79 1.48
CA ARG B 32 16.59 21.42 0.15
C ARG B 32 15.34 21.45 -0.72
N ASN B 33 14.55 20.36 -0.68
CA ASN B 33 13.29 20.37 -1.49
C ASN B 33 12.30 21.40 -1.03
N ILE B 34 12.15 21.57 0.30
CA ILE B 34 11.19 22.50 0.85
C ILE B 34 11.65 23.91 0.44
N ALA B 35 12.96 24.24 0.55
CA ALA B 35 13.39 25.62 0.27
C ALA B 35 13.20 25.86 -1.21
N ARG B 36 13.52 24.85 -2.05
CA ARG B 36 13.42 25.09 -3.52
C ARG B 36 11.99 25.48 -3.97
N MET B 37 11.00 24.74 -3.45
CA MET B 37 9.62 24.99 -3.86
C MET B 37 9.17 26.32 -3.32
N GLN B 38 9.48 26.63 -2.04
CA GLN B 38 9.04 27.88 -1.44
C GLN B 38 9.71 29.07 -2.15
N GLN B 39 10.98 28.95 -2.48
CA GLN B 39 11.69 30.07 -3.19
C GLN B 39 11.03 30.29 -4.55
N ARG B 40 10.63 29.21 -5.21
CA ARG B 40 10.10 29.33 -6.56
C ARG B 40 8.77 30.07 -6.48
N MET B 41 7.98 29.69 -5.50
CA MET B 41 6.66 30.35 -5.36
C MET B 41 6.79 31.80 -4.93
N ASP B 42 7.71 32.11 -3.99
CA ASP B 42 8.00 33.50 -3.61
C ASP B 42 8.38 34.29 -4.85
N ALA B 43 9.20 33.69 -5.73
CA ALA B 43 9.64 34.40 -6.97
C ALA B 43 8.50 34.71 -7.95
N GLN B 44 7.54 33.77 -8.03
CA GLN B 44 6.26 33.88 -8.75
C GLN B 44 5.26 34.80 -8.04
N GLY B 45 5.51 35.25 -6.80
CA GLY B 45 4.53 36.08 -5.99
C GLY B 45 3.22 35.36 -5.64
N VAL B 46 3.30 34.04 -5.46
CA VAL B 46 2.09 33.26 -5.13
C VAL B 46 2.32 32.54 -3.77
N ARG B 47 1.19 32.23 -3.12
CA ARG B 47 1.31 31.45 -1.88
C ARG B 47 1.62 29.99 -2.25
N LEU B 48 2.20 29.26 -1.32
CA LEU B 48 2.36 27.77 -1.54
C LEU B 48 1.45 27.15 -0.45
N ARG B 49 0.48 26.30 -0.90
CA ARG B 49 -0.39 25.54 -0.01
C ARG B 49 -0.02 24.02 -0.19
N PRO B 50 0.97 23.55 0.57
CA PRO B 50 1.46 22.19 0.27
C PRO B 50 0.35 21.16 0.48
N HIS B 51 0.47 20.10 -0.30
CA HIS B 51 -0.48 18.95 -0.14
C HIS B 51 0.18 17.96 0.76
N VAL B 52 -0.37 17.86 1.95
CA VAL B 52 0.23 16.99 2.97
C VAL B 52 -0.12 15.53 2.77
N LYS B 53 -0.87 15.19 1.73
CA LYS B 53 -1.20 13.75 1.59
C LYS B 53 0.08 12.94 1.26
N THR B 54 1.18 13.56 0.83
CA THR B 54 2.39 12.74 0.54
C THR B 54 3.00 12.22 1.85
N SER B 55 3.02 13.02 2.92
CA SER B 55 3.71 12.57 4.19
C SER B 55 2.70 12.24 5.28
N LYS B 56 1.58 13.00 5.33
CA LYS B 56 0.62 12.94 6.47
C LYS B 56 1.32 12.92 7.81
N SER B 57 2.37 13.81 7.94
CA SER B 57 3.20 13.79 9.14
C SER B 57 3.32 15.21 9.67
N VAL B 58 2.96 15.41 10.90
CA VAL B 58 2.96 16.81 11.51
C VAL B 58 4.37 17.47 11.44
N PRO B 59 5.45 16.79 11.77
CA PRO B 59 6.79 17.50 11.74
C PRO B 59 7.14 17.83 10.27
N VAL B 60 6.70 17.00 9.30
CA VAL B 60 7.03 17.34 7.88
C VAL B 60 6.25 18.61 7.50
N ALA B 61 4.93 18.69 7.78
CA ALA B 61 4.19 19.90 7.51
C ALA B 61 4.74 21.11 8.31
N ALA B 62 5.29 20.87 9.51
CA ALA B 62 5.74 21.98 10.35
C ALA B 62 6.92 22.57 9.59
N ALA B 63 7.75 21.74 8.95
CA ALA B 63 8.98 22.24 8.25
C ALA B 63 8.47 23.04 7.06
N GLN B 64 7.48 22.50 6.35
CA GLN B 64 6.94 23.30 5.19
C GLN B 64 6.38 24.66 5.66
N ARG B 65 5.65 24.67 6.80
CA ARG B 65 5.08 25.96 7.34
C ARG B 65 6.23 26.90 7.77
N ALA B 66 7.26 26.35 8.42
CA ALA B 66 8.38 27.20 8.90
C ALA B 66 9.10 27.88 7.70
N ALA B 67 9.10 27.22 6.53
CA ALA B 67 9.77 27.80 5.34
C ALA B 67 8.93 28.82 4.61
N GLY B 68 7.67 28.95 4.99
CA GLY B 68 6.86 30.06 4.44
C GLY B 68 5.55 29.58 3.82
N ALA B 69 5.13 28.33 3.98
CA ALA B 69 3.82 27.87 3.36
C ALA B 69 2.60 28.51 3.99
N SER B 70 1.49 28.62 3.22
CA SER B 70 0.28 29.30 3.70
C SER B 70 -0.82 28.22 3.66
N GLY B 71 -1.08 27.65 4.85
CA GLY B 71 -2.16 26.63 4.85
C GLY B 71 -1.66 25.36 4.25
N ILE B 72 -2.62 24.41 4.27
CA ILE B 72 -2.34 23.08 3.69
C ILE B 72 -3.50 22.61 2.83
N THR B 73 -3.19 21.64 1.99
CA THR B 73 -4.23 20.83 1.27
C THR B 73 -4.20 19.43 1.87
N VAL B 74 -5.42 18.89 2.05
CA VAL B 74 -5.50 17.49 2.55
C VAL B 74 -6.41 16.71 1.58
N SER B 75 -6.22 15.39 1.64
CA SER B 75 -6.96 14.46 0.77
C SER B 75 -8.08 13.71 1.46
N THR B 76 -8.19 13.89 2.77
CA THR B 76 -9.22 13.20 3.61
C THR B 76 -9.56 14.13 4.78
N LEU B 77 -10.78 13.95 5.29
CA LEU B 77 -11.11 14.71 6.53
C LEU B 77 -10.29 14.17 7.72
N LYS B 78 -9.75 12.92 7.73
CA LYS B 78 -8.94 12.50 8.87
CA LYS B 78 -8.95 12.49 8.85
C LYS B 78 -7.67 13.33 8.89
N GLU B 79 -7.08 13.62 7.70
CA GLU B 79 -5.92 14.55 7.65
C GLU B 79 -6.41 15.90 8.23
N ALA B 80 -7.59 16.39 7.83
CA ALA B 80 -7.96 17.77 8.40
C ALA B 80 -8.08 17.72 9.90
N GLU B 81 -8.66 16.60 10.45
CA GLU B 81 -8.74 16.43 11.89
C GLU B 81 -7.36 16.40 12.55
N GLN B 82 -6.41 15.64 12.00
CA GLN B 82 -5.07 15.47 12.65
C GLN B 82 -4.32 16.82 12.60
N PHE B 83 -4.36 17.46 11.42
CA PHE B 83 -3.50 18.69 11.29
C PHE B 83 -4.21 19.85 12.03
N PHE B 84 -5.54 19.93 12.06
CA PHE B 84 -6.13 20.96 12.94
C PHE B 84 -5.85 20.79 14.42
N ALA B 85 -5.86 19.52 14.91
CA ALA B 85 -5.55 19.25 16.31
C ALA B 85 -4.08 19.70 16.59
N ALA B 86 -3.23 19.61 15.55
CA ALA B 86 -1.78 20.04 15.63
C ALA B 86 -1.57 21.52 15.36
N GLY B 87 -2.63 22.25 15.17
CA GLY B 87 -2.57 23.72 15.10
C GLY B 87 -2.69 24.38 13.75
N THR B 88 -2.95 23.60 12.72
CA THR B 88 -3.11 24.16 11.39
C THR B 88 -4.56 24.54 11.24
N THR B 89 -4.88 25.80 10.97
CA THR B 89 -6.28 26.23 10.85
C THR B 89 -6.73 26.43 9.42
N ASP B 90 -5.80 26.63 8.47
CA ASP B 90 -6.14 26.94 7.07
C ASP B 90 -5.99 25.73 6.19
N ILE B 91 -7.14 25.02 6.05
CA ILE B 91 -7.09 23.63 5.45
C ILE B 91 -8.08 23.55 4.32
N LEU B 92 -7.57 23.11 3.17
CA LEU B 92 -8.42 22.84 1.95
C LEU B 92 -8.55 21.33 1.81
N TYR B 93 -9.82 20.85 1.82
CA TYR B 93 -10.05 19.40 1.58
C TYR B 93 -10.35 19.28 0.11
N ALA B 94 -9.29 18.91 -0.62
CA ALA B 94 -9.38 19.03 -2.11
C ALA B 94 -9.79 17.68 -2.74
N VAL B 95 -10.97 17.19 -2.31
CA VAL B 95 -11.63 16.02 -2.99
C VAL B 95 -13.09 16.37 -3.00
N SER B 96 -13.73 16.18 -4.17
CA SER B 96 -15.17 16.44 -4.38
CA SER B 96 -15.12 16.62 -4.32
C SER B 96 -15.96 16.09 -3.16
N MET B 97 -16.72 17.04 -2.57
CA MET B 97 -17.33 16.74 -1.28
C MET B 97 -18.51 15.76 -1.37
N ALA B 98 -18.47 14.77 -0.47
CA ALA B 98 -19.57 13.80 -0.37
C ALA B 98 -20.54 14.37 0.65
N PRO B 99 -21.82 14.41 0.33
CA PRO B 99 -22.82 14.97 1.29
C PRO B 99 -22.71 14.29 2.61
N HIS B 100 -22.48 12.96 2.74
CA HIS B 100 -22.57 12.32 4.03
C HIS B 100 -21.42 12.80 4.94
N ARG B 101 -20.41 13.43 4.37
CA ARG B 101 -19.26 13.90 5.24
C ARG B 101 -19.63 15.29 5.73
N LEU B 102 -20.78 15.88 5.41
CA LEU B 102 -20.99 17.28 5.85
C LEU B 102 -21.01 17.46 7.39
N PRO B 103 -21.57 16.55 8.16
CA PRO B 103 -21.55 16.74 9.63
C PRO B 103 -20.09 16.78 10.14
N GLN B 104 -19.19 16.01 9.63
CA GLN B 104 -17.80 16.06 10.14
C GLN B 104 -17.20 17.42 9.66
N ALA B 105 -17.47 17.88 8.44
CA ALA B 105 -16.88 19.16 8.00
C ALA B 105 -17.48 20.27 8.89
N LEU B 106 -18.76 20.26 9.19
CA LEU B 106 -19.35 21.25 10.11
C LEU B 106 -18.69 21.24 11.46
N GLN B 107 -18.51 20.03 12.00
CA GLN B 107 -17.90 19.94 13.40
C GLN B 107 -16.50 20.57 13.33
N LEU B 108 -15.70 20.30 12.34
CA LEU B 108 -14.30 20.86 12.23
C LEU B 108 -14.42 22.43 12.20
N ARG B 109 -15.34 22.94 11.36
CA ARG B 109 -15.43 24.46 11.28
C ARG B 109 -15.91 24.99 12.64
N ARG B 110 -16.89 24.32 13.33
CA ARG B 110 -17.39 24.85 14.59
CA ARG B 110 -17.45 24.77 14.64
C ARG B 110 -16.32 24.81 15.70
N ARG B 111 -15.30 23.92 15.59
CA ARG B 111 -14.11 23.89 16.54
C ARG B 111 -13.06 24.97 16.21
N GLY B 112 -13.21 25.65 15.09
CA GLY B 112 -12.29 26.67 14.71
C GLY B 112 -11.41 26.37 13.54
N CYS B 113 -11.69 25.30 12.78
CA CYS B 113 -10.88 25.03 11.61
C CYS B 113 -11.46 25.76 10.42
N ASP B 114 -10.63 26.56 9.71
CA ASP B 114 -11.12 27.30 8.52
C ASP B 114 -11.02 26.37 7.35
N LEU B 115 -11.94 25.37 7.35
CA LEU B 115 -11.91 24.23 6.39
C LEU B 115 -12.67 24.66 5.14
N LYS B 116 -12.03 24.44 4.02
CA LYS B 116 -12.67 24.76 2.69
C LYS B 116 -12.96 23.43 2.01
N LEU B 117 -14.13 23.39 1.34
CA LEU B 117 -14.58 22.16 0.62
C LEU B 117 -14.59 22.50 -0.89
N ILE B 118 -14.65 21.45 -1.72
CA ILE B 118 -14.74 21.70 -3.20
C ILE B 118 -15.89 20.91 -3.78
N VAL B 119 -16.40 21.46 -4.87
CA VAL B 119 -17.46 20.75 -5.62
C VAL B 119 -17.28 20.91 -7.12
N ASP B 120 -17.94 20.12 -7.93
CA ASP B 120 -17.93 20.32 -9.36
C ASP B 120 -19.25 19.98 -10.01
N SER B 121 -20.34 20.08 -9.17
CA SER B 121 -21.64 19.79 -9.71
C SER B 121 -22.74 20.61 -8.99
N VAL B 122 -23.80 20.81 -9.70
CA VAL B 122 -24.94 21.55 -9.07
C VAL B 122 -25.49 20.66 -7.87
N ALA B 123 -25.66 19.35 -8.07
CA ALA B 123 -26.18 18.58 -6.91
C ALA B 123 -25.29 18.70 -5.68
N ALA B 124 -23.96 18.64 -5.85
CA ALA B 124 -23.12 18.74 -4.58
C ALA B 124 -23.25 20.18 -4.01
N ALA B 125 -23.32 21.19 -4.87
CA ALA B 125 -23.55 22.53 -4.34
C ALA B 125 -24.84 22.67 -3.63
N GLN B 126 -25.89 22.04 -4.15
CA GLN B 126 -27.22 22.13 -3.48
C GLN B 126 -27.13 21.41 -2.13
N ALA B 127 -26.47 20.24 -2.05
CA ALA B 127 -26.40 19.54 -0.74
C ALA B 127 -25.68 20.40 0.29
N ILE B 128 -24.54 21.00 -0.10
CA ILE B 128 -23.80 21.85 0.88
C ILE B 128 -24.71 22.98 1.32
N ALA B 129 -25.30 23.72 0.37
CA ALA B 129 -26.07 24.94 0.73
C ALA B 129 -27.28 24.56 1.57
N ALA B 130 -27.97 23.42 1.28
CA ALA B 130 -29.16 23.14 2.10
C ALA B 130 -28.66 22.76 3.54
N PHE B 131 -27.55 22.01 3.69
CA PHE B 131 -27.09 21.63 5.03
C PHE B 131 -26.63 22.89 5.75
N GLY B 132 -25.95 23.74 5.03
CA GLY B 132 -25.50 25.00 5.69
C GLY B 132 -26.65 25.86 6.11
N ARG B 133 -27.70 25.98 5.30
CA ARG B 133 -28.87 26.75 5.78
C ARG B 133 -29.46 26.04 7.01
N GLU B 134 -29.63 24.73 6.99
CA GLU B 134 -30.25 24.05 8.14
C GLU B 134 -29.45 24.27 9.40
N GLN B 135 -28.14 24.27 9.24
CA GLN B 135 -27.23 24.25 10.44
C GLN B 135 -26.72 25.68 10.77
N GLY B 136 -27.03 26.68 9.99
CA GLY B 136 -26.60 28.09 10.24
C GLY B 136 -25.11 28.22 9.96
N GLU B 137 -24.63 27.54 8.92
CA GLU B 137 -23.20 27.60 8.56
C GLU B 137 -22.94 27.97 7.14
N ALA B 138 -22.18 29.08 6.91
CA ALA B 138 -21.87 29.50 5.60
C ALA B 138 -20.58 28.85 5.21
N PHE B 139 -20.66 27.63 4.77
CA PHE B 139 -19.45 26.89 4.37
C PHE B 139 -18.73 27.63 3.28
N GLU B 140 -17.39 27.49 3.27
CA GLU B 140 -16.63 28.06 2.11
C GLU B 140 -16.39 26.94 1.14
N VAL B 141 -16.73 27.16 -0.12
CA VAL B 141 -16.66 26.14 -1.18
C VAL B 141 -16.00 26.71 -2.36
N TRP B 142 -15.04 25.95 -2.90
CA TRP B 142 -14.40 26.30 -4.22
C TRP B 142 -14.87 25.40 -5.28
N ILE B 143 -14.82 25.87 -6.50
CA ILE B 143 -15.30 25.03 -7.65
C ILE B 143 -14.07 24.40 -8.32
N GLU B 144 -14.10 23.07 -8.47
CA GLU B 144 -12.95 22.36 -9.11
C GLU B 144 -13.11 22.42 -10.67
N ILE B 145 -12.04 22.82 -11.34
CA ILE B 145 -12.01 23.04 -12.79
C ILE B 145 -11.14 21.97 -13.46
N ASP B 146 -11.67 21.44 -14.55
CA ASP B 146 -10.90 20.53 -15.41
C ASP B 146 -10.20 21.38 -16.47
N THR B 147 -8.86 21.42 -16.28
CA THR B 147 -8.07 22.18 -17.29
C THR B 147 -7.28 21.29 -18.19
N ASP B 148 -7.08 19.99 -17.85
CA ASP B 148 -6.32 19.17 -18.80
C ASP B 148 -6.87 17.75 -19.07
N GLY B 149 -8.11 17.50 -18.67
CA GLY B 149 -8.76 16.26 -18.88
C GLY B 149 -8.29 15.14 -18.02
N HIS B 150 -7.50 15.42 -16.97
CA HIS B 150 -6.90 14.36 -16.09
C HIS B 150 -7.95 13.50 -15.43
N ARG B 151 -9.00 14.08 -14.83
CA ARG B 151 -9.85 13.31 -13.88
C ARG B 151 -11.21 13.88 -14.46
N SER B 152 -11.66 14.80 -13.63
CA SER B 152 -12.85 15.43 -13.94
C SER B 152 -12.79 16.98 -13.48
N GLY B 153 -13.96 17.62 -13.20
CA GLY B 153 -13.96 19.09 -12.70
C GLY B 153 -14.87 19.65 -13.77
N VAL B 154 -15.28 20.90 -13.50
CA VAL B 154 -16.06 21.68 -14.48
C VAL B 154 -15.13 22.12 -15.62
N GLY B 155 -15.56 22.00 -16.85
CA GLY B 155 -14.66 22.52 -17.97
C GLY B 155 -14.44 23.99 -17.77
N ALA B 156 -13.17 24.43 -17.98
CA ALA B 156 -12.89 25.85 -17.81
C ALA B 156 -13.71 26.74 -18.72
N ASP B 157 -14.13 26.23 -19.86
CA ASP B 157 -14.95 27.02 -20.80
C ASP B 157 -16.48 26.74 -20.66
N ASP B 158 -16.89 26.07 -19.55
CA ASP B 158 -18.34 25.73 -19.42
C ASP B 158 -18.99 26.80 -18.55
N THR B 159 -19.16 27.98 -19.05
CA THR B 159 -19.75 29.12 -18.37
C THR B 159 -21.15 28.71 -17.81
N PRO B 160 -21.98 28.01 -18.58
CA PRO B 160 -23.31 27.83 -17.98
C PRO B 160 -23.21 26.93 -16.71
N LEU B 161 -22.37 25.90 -16.71
CA LEU B 161 -22.30 25.04 -15.48
C LEU B 161 -21.58 25.78 -14.41
N LEU B 162 -20.53 26.60 -14.71
CA LEU B 162 -19.84 27.37 -13.62
C LEU B 162 -20.84 28.25 -12.99
N LEU B 163 -21.60 29.02 -13.76
CA LEU B 163 -22.50 30.01 -13.22
C LEU B 163 -23.54 29.26 -12.40
N ALA B 164 -24.02 28.10 -12.94
CA ALA B 164 -25.10 27.47 -12.14
C ALA B 164 -24.59 26.96 -10.82
N ILE B 165 -23.38 26.42 -10.77
CA ILE B 165 -22.83 25.97 -9.50
C ILE B 165 -22.52 27.19 -8.58
N GLY B 166 -21.90 28.23 -9.23
CA GLY B 166 -21.57 29.42 -8.38
C GLY B 166 -22.80 30.13 -7.82
N ARG B 167 -23.85 30.29 -8.62
CA ARG B 167 -25.10 30.90 -8.10
C ARG B 167 -25.74 29.98 -7.05
N THR B 168 -25.66 28.64 -7.23
CA THR B 168 -26.30 27.76 -6.21
C THR B 168 -25.62 28.02 -4.87
N LEU B 169 -24.29 28.15 -4.90
CA LEU B 169 -23.56 28.36 -3.61
C LEU B 169 -23.83 29.81 -3.13
N HIS B 170 -23.71 30.83 -3.99
CA HIS B 170 -23.81 32.23 -3.50
C HIS B 170 -25.21 32.59 -3.10
N ASP B 171 -26.21 32.23 -3.95
CA ASP B 171 -27.63 32.54 -3.60
C ASP B 171 -28.07 31.70 -2.43
N GLY B 172 -27.39 30.56 -2.19
CA GLY B 172 -27.73 29.70 -1.11
C GLY B 172 -27.17 30.09 0.21
N GLY B 173 -26.36 31.17 0.26
CA GLY B 173 -25.79 31.70 1.48
C GLY B 173 -24.43 31.14 1.88
N MET B 174 -23.86 30.38 0.96
CA MET B 174 -22.49 29.86 1.16
C MET B 174 -21.46 30.86 0.68
N ARG B 175 -20.18 30.63 1.03
CA ARG B 175 -19.13 31.55 0.63
C ARG B 175 -18.47 30.88 -0.57
N LEU B 176 -18.68 31.42 -1.75
CA LEU B 176 -18.02 30.86 -2.95
C LEU B 176 -16.59 31.48 -2.87
N GLY B 177 -15.60 30.65 -2.58
CA GLY B 177 -14.29 31.20 -2.17
C GLY B 177 -13.24 31.20 -3.25
N GLY B 178 -13.51 30.48 -4.34
CA GLY B 178 -12.47 30.36 -5.32
C GLY B 178 -12.70 29.22 -6.29
N VAL B 179 -11.66 29.04 -7.14
CA VAL B 179 -11.62 27.90 -8.11
C VAL B 179 -10.26 27.25 -7.94
N LEU B 180 -10.21 25.95 -8.23
CA LEU B 180 -8.92 25.23 -8.16
C LEU B 180 -8.84 24.24 -9.26
N THR B 181 -7.63 23.93 -9.71
CA THR B 181 -7.39 22.86 -10.71
C THR B 181 -6.17 22.10 -10.36
N HIS B 182 -6.05 20.86 -10.89
CA HIS B 182 -4.83 20.09 -10.73
C HIS B 182 -4.51 19.48 -12.06
N ALA B 183 -3.37 19.87 -12.67
CA ALA B 183 -3.05 19.33 -14.05
C ALA B 183 -2.28 18.02 -13.92
N GLY B 184 -3.04 16.99 -13.51
CA GLY B 184 -2.42 15.71 -13.17
C GLY B 184 -1.95 15.04 -14.42
N SER B 185 -2.23 15.53 -15.61
CA SER B 185 -1.65 14.91 -16.81
C SER B 185 -0.19 15.24 -16.96
N SER B 186 0.33 16.08 -16.06
CA SER B 186 1.79 16.46 -16.11
C SER B 186 2.68 15.18 -15.82
N TYR B 187 2.04 14.19 -15.21
CA TYR B 187 2.80 12.96 -14.85
C TYR B 187 3.11 12.14 -16.06
N GLU B 188 2.46 12.44 -17.18
CA GLU B 188 2.74 11.68 -18.40
C GLU B 188 3.83 12.32 -19.25
N LEU B 189 4.36 13.50 -18.84
CA LEU B 189 5.33 14.27 -19.65
C LEU B 189 6.75 13.99 -19.16
N ASP B 190 7.72 14.43 -19.94
CA ASP B 190 9.11 14.20 -19.62
C ASP B 190 10.06 15.17 -20.29
N THR B 191 9.54 16.29 -20.80
CA THR B 191 10.37 17.36 -21.37
C THR B 191 10.05 18.70 -20.78
N PRO B 192 11.04 19.62 -20.68
CA PRO B 192 10.71 20.91 -20.07
C PRO B 192 9.76 21.73 -20.91
N GLU B 193 9.82 21.59 -22.24
CA GLU B 193 8.91 22.36 -23.17
C GLU B 193 7.47 21.96 -22.93
N ALA B 194 7.22 20.65 -22.83
CA ALA B 194 5.82 20.18 -22.71
C ALA B 194 5.31 20.54 -21.33
N LEU B 195 6.19 20.51 -20.28
CA LEU B 195 5.75 20.83 -18.89
C LEU B 195 5.39 22.33 -18.76
N GLN B 196 6.29 23.18 -19.32
CA GLN B 196 6.03 24.61 -19.33
C GLN B 196 4.67 24.90 -20.02
N ALA B 197 4.44 24.31 -21.20
CA ALA B 197 3.14 24.47 -21.89
C ALA B 197 1.92 24.01 -21.09
N LEU B 198 2.04 22.84 -20.42
CA LEU B 198 0.94 22.37 -19.65
C LEU B 198 0.74 23.30 -18.48
N ALA B 199 1.81 23.78 -17.85
CA ALA B 199 1.62 24.64 -16.65
C ALA B 199 0.88 25.90 -17.15
N GLU B 200 1.16 26.36 -18.39
CA GLU B 200 0.50 27.60 -18.90
C GLU B 200 -0.99 27.28 -19.17
N ARG B 201 -1.27 26.08 -19.68
CA ARG B 201 -2.70 25.68 -19.91
C ARG B 201 -3.45 25.59 -18.59
N GLU B 202 -2.79 25.08 -17.57
CA GLU B 202 -3.43 24.96 -16.23
C GLU B 202 -3.74 26.35 -15.66
N ARG B 203 -2.74 27.26 -15.79
CA ARG B 203 -2.95 28.61 -15.27
C ARG B 203 -4.06 29.24 -16.05
N ALA B 204 -3.97 29.21 -17.37
CA ALA B 204 -4.94 29.93 -18.24
C ALA B 204 -6.36 29.43 -17.98
N GLY B 205 -6.45 28.14 -17.78
CA GLY B 205 -7.85 27.59 -17.69
C GLY B 205 -8.40 27.89 -16.32
N CYS B 206 -7.59 27.82 -15.28
CA CYS B 206 -8.15 28.12 -13.98
C CYS B 206 -8.55 29.62 -13.88
N VAL B 207 -7.65 30.52 -14.39
CA VAL B 207 -7.99 31.98 -14.40
C VAL B 207 -9.23 32.22 -15.26
N GLN B 208 -9.27 31.53 -16.41
CA GLN B 208 -10.49 31.65 -17.29
C GLN B 208 -11.78 31.40 -16.50
N ALA B 209 -11.77 30.28 -15.73
CA ALA B 209 -12.99 29.95 -14.91
C ALA B 209 -13.27 31.07 -13.92
N ALA B 210 -12.18 31.57 -13.25
CA ALA B 210 -12.48 32.61 -12.24
C ALA B 210 -12.97 33.88 -12.94
N GLU B 211 -12.43 34.22 -14.09
CA GLU B 211 -12.86 35.43 -14.81
C GLU B 211 -14.35 35.36 -15.27
N ALA B 212 -14.74 34.11 -15.58
CA ALA B 212 -16.17 33.95 -16.00
C ALA B 212 -17.08 34.11 -14.81
N LEU B 213 -16.72 33.52 -13.67
CA LEU B 213 -17.57 33.66 -12.43
C LEU B 213 -17.63 35.19 -12.10
N ARG B 214 -16.45 35.85 -12.14
CA ARG B 214 -16.51 37.29 -11.73
C ARG B 214 -17.28 38.16 -12.72
N ALA B 215 -17.25 37.78 -14.00
CA ALA B 215 -18.01 38.51 -15.00
C ALA B 215 -19.53 38.43 -14.78
N ALA B 216 -19.96 37.33 -14.15
CA ALA B 216 -21.38 37.21 -13.72
C ALA B 216 -21.65 37.76 -12.39
N GLY B 217 -20.69 38.52 -11.79
CA GLY B 217 -20.99 39.18 -10.51
C GLY B 217 -20.77 38.27 -9.35
N LEU B 218 -20.16 37.09 -9.54
CA LEU B 218 -19.95 36.19 -8.37
C LEU B 218 -18.55 36.38 -7.81
N PRO B 219 -18.39 36.25 -6.51
CA PRO B 219 -17.03 36.35 -5.97
C PRO B 219 -16.21 35.13 -6.37
N CYS B 220 -14.92 35.36 -6.54
CA CYS B 220 -13.95 34.23 -6.78
C CYS B 220 -12.55 34.66 -6.44
N PRO B 221 -12.32 34.83 -5.09
CA PRO B 221 -11.05 35.56 -4.80
C PRO B 221 -9.85 34.62 -4.89
N VAL B 222 -9.95 33.33 -4.70
CA VAL B 222 -8.80 32.46 -4.76
C VAL B 222 -8.79 31.78 -6.14
N VAL B 223 -7.62 31.71 -6.73
CA VAL B 223 -7.36 30.89 -7.91
C VAL B 223 -6.20 29.99 -7.51
N SER B 224 -6.46 28.68 -7.43
CA SER B 224 -5.44 27.73 -6.84
C SER B 224 -5.11 26.73 -7.98
N VAL B 225 -3.83 26.56 -8.27
CA VAL B 225 -3.40 25.54 -9.32
C VAL B 225 -2.37 24.60 -8.70
N GLY B 226 -2.07 23.54 -9.43
CA GLY B 226 -0.71 22.93 -9.15
C GLY B 226 -0.71 21.42 -9.22
N SER B 227 0.46 20.96 -9.62
CA SER B 227 0.98 19.56 -9.43
C SER B 227 2.47 19.89 -9.20
N THR B 228 3.25 18.94 -8.67
CA THR B 228 4.69 19.27 -8.50
C THR B 228 5.32 19.63 -9.83
N PRO B 229 5.11 18.86 -10.91
CA PRO B 229 5.83 19.20 -12.16
C PRO B 229 5.45 20.53 -12.75
N THR B 230 4.15 20.89 -12.71
CA THR B 230 3.78 22.21 -13.26
C THR B 230 4.15 23.37 -12.32
N ALA B 231 4.18 23.10 -11.00
CA ALA B 231 4.67 24.16 -10.11
C ALA B 231 6.14 24.55 -10.41
N LEU B 232 6.93 23.50 -10.70
CA LEU B 232 8.32 23.74 -11.00
C LEU B 232 8.60 24.24 -12.40
N ALA B 233 7.62 24.15 -13.29
CA ALA B 233 7.87 24.51 -14.66
C ALA B 233 7.17 25.81 -15.07
N ALA B 234 6.16 26.30 -14.29
CA ALA B 234 5.41 27.41 -14.84
C ALA B 234 6.30 28.59 -15.05
N SER B 235 6.23 29.22 -16.24
CA SER B 235 6.99 30.46 -16.52
C SER B 235 6.43 31.61 -15.71
N ARG B 236 5.13 31.68 -15.78
CA ARG B 236 4.40 32.82 -15.28
CA ARG B 236 4.44 32.79 -15.21
C ARG B 236 3.16 32.28 -14.51
N LEU B 237 2.73 33.02 -13.52
CA LEU B 237 1.49 32.67 -12.80
C LEU B 237 0.48 33.82 -12.62
N ASP B 238 0.40 34.68 -13.62
CA ASP B 238 -0.52 35.80 -13.54
C ASP B 238 -1.93 35.33 -13.27
N GLY B 239 -2.59 35.98 -12.30
CA GLY B 239 -3.96 35.66 -12.00
C GLY B 239 -4.12 34.52 -10.98
N VAL B 240 -3.02 33.83 -10.63
CA VAL B 240 -3.12 32.75 -9.65
C VAL B 240 -2.78 33.23 -8.23
N THR B 241 -3.51 32.74 -7.21
CA THR B 241 -3.20 33.28 -5.88
C THR B 241 -2.40 32.25 -5.10
N GLU B 242 -2.52 30.96 -5.40
CA GLU B 242 -1.71 29.99 -4.66
C GLU B 242 -1.45 28.80 -5.57
N VAL B 243 -0.39 28.09 -5.22
CA VAL B 243 -0.07 26.80 -5.89
C VAL B 243 -0.04 25.70 -4.84
N ARG B 244 -0.56 24.51 -5.21
CA ARG B 244 -0.56 23.36 -4.34
C ARG B 244 0.42 22.37 -4.97
N ALA B 245 1.27 21.85 -4.13
CA ALA B 245 2.22 20.80 -4.60
C ALA B 245 2.52 19.98 -3.33
N GLY B 246 2.76 18.71 -3.51
CA GLY B 246 2.97 17.82 -2.37
C GLY B 246 4.13 16.87 -2.51
N VAL B 247 4.25 16.14 -3.65
CA VAL B 247 5.29 15.04 -3.69
C VAL B 247 6.72 15.64 -3.70
N TYR B 248 6.79 16.94 -4.03
CA TYR B 248 8.15 17.59 -4.05
C TYR B 248 8.86 17.50 -2.71
N VAL B 249 8.12 17.38 -1.60
CA VAL B 249 8.81 17.42 -0.25
C VAL B 249 9.88 16.32 -0.18
N PHE B 250 9.56 15.17 -0.83
CA PHE B 250 10.51 14.06 -0.91
C PHE B 250 11.04 13.76 -2.27
N PHE B 251 10.29 14.07 -3.32
CA PHE B 251 10.51 13.54 -4.70
C PHE B 251 10.56 12.01 -4.71
N ASP B 252 10.75 11.49 -5.90
CA ASP B 252 10.75 10.06 -6.11
C ASP B 252 11.18 9.79 -7.52
N LEU B 253 11.25 8.52 -7.93
CA LEU B 253 11.78 8.20 -9.27
C LEU B 253 10.88 8.54 -10.45
N VAL B 254 9.53 8.48 -10.18
CA VAL B 254 8.60 9.03 -11.18
C VAL B 254 8.95 10.53 -11.48
N MET B 255 9.13 11.31 -10.42
CA MET B 255 9.55 12.73 -10.65
C MET B 255 10.92 12.87 -11.36
N ARG B 256 11.91 12.01 -11.00
CA ARG B 256 13.19 12.03 -11.63
C ARG B 256 13.02 11.79 -13.14
N ASN B 257 12.13 10.85 -13.49
CA ASN B 257 11.89 10.56 -14.90
C ASN B 257 11.11 11.67 -15.66
N ILE B 258 10.21 12.37 -14.95
CA ILE B 258 9.48 13.51 -15.56
C ILE B 258 10.48 14.61 -15.84
N GLY B 259 11.55 14.60 -14.99
CA GLY B 259 12.71 15.47 -15.17
C GLY B 259 12.72 16.70 -14.31
N VAL B 260 11.97 16.74 -13.23
CA VAL B 260 11.98 17.87 -12.37
C VAL B 260 12.83 17.63 -11.15
N CYS B 261 13.52 16.47 -11.02
CA CYS B 261 14.50 16.38 -10.01
C CYS B 261 15.54 15.35 -10.46
N ALA B 262 16.62 15.20 -9.70
CA ALA B 262 17.56 14.12 -9.93
C ALA B 262 17.34 13.03 -8.88
N ALA B 263 17.86 11.82 -9.11
CA ALA B 263 17.77 10.78 -8.05
C ALA B 263 18.39 11.26 -6.69
N GLU B 264 19.46 12.07 -6.71
CA GLU B 264 20.03 12.61 -5.50
C GLU B 264 19.20 13.64 -4.77
N ASP B 265 18.04 14.08 -5.35
CA ASP B 265 17.16 14.97 -4.61
C ASP B 265 16.14 14.15 -3.82
N VAL B 266 16.12 12.83 -4.04
CA VAL B 266 15.02 11.99 -3.51
C VAL B 266 15.31 11.76 -2.01
N ALA B 267 14.38 12.28 -1.17
CA ALA B 267 14.70 12.37 0.27
C ALA B 267 14.15 11.18 1.06
N LEU B 268 13.29 10.39 0.42
CA LEU B 268 12.70 9.18 1.05
C LEU B 268 13.30 7.91 0.43
N SER B 269 13.77 7.04 1.33
CA SER B 269 14.29 5.78 0.85
C SER B 269 13.85 4.70 1.88
N VAL B 270 13.80 3.44 1.42
CA VAL B 270 13.42 2.33 2.38
C VAL B 270 14.69 1.56 2.66
N LEU B 271 14.98 1.51 3.96
CA LEU B 271 16.14 0.77 4.48
C LEU B 271 15.75 -0.70 4.53
N ALA B 272 16.64 -1.55 3.95
CA ALA B 272 16.30 -2.99 3.80
C ALA B 272 17.53 -3.81 4.13
N THR B 273 17.34 -5.05 4.53
CA THR B 273 18.46 -5.97 4.76
C THR B 273 18.44 -7.06 3.73
N VAL B 274 19.65 -7.48 3.28
CA VAL B 274 19.72 -8.70 2.48
C VAL B 274 19.53 -9.98 3.33
N ILE B 275 18.54 -10.80 2.98
CA ILE B 275 18.22 -12.02 3.73
C ILE B 275 18.45 -13.29 2.96
N GLY B 276 18.96 -13.21 1.72
CA GLY B 276 19.22 -14.46 1.04
C GLY B 276 19.65 -14.15 -0.38
N HIS B 277 19.88 -15.22 -1.13
CA HIS B 277 20.30 -15.12 -2.56
C HIS B 277 19.72 -16.24 -3.40
N GLN B 278 19.70 -16.08 -4.75
CA GLN B 278 19.64 -17.24 -5.72
C GLN B 278 20.83 -17.03 -6.66
N ALA B 279 21.96 -17.56 -6.26
CA ALA B 279 23.27 -17.28 -6.90
C ALA B 279 23.25 -17.47 -8.40
N ASP B 280 22.64 -18.55 -8.88
CA ASP B 280 22.65 -18.74 -10.33
C ASP B 280 21.79 -17.83 -11.15
N LYS B 281 20.83 -17.15 -10.52
CA LYS B 281 20.04 -16.18 -11.22
C LYS B 281 20.59 -14.76 -10.99
N GLY B 282 21.59 -14.59 -10.15
CA GLY B 282 22.12 -13.25 -9.88
C GLY B 282 21.20 -12.46 -8.95
N TRP B 283 20.44 -13.16 -8.08
CA TRP B 283 19.44 -12.46 -7.23
C TRP B 283 19.95 -12.29 -5.84
N ALA B 284 19.74 -11.12 -5.24
CA ALA B 284 19.77 -10.98 -3.76
C ALA B 284 18.33 -10.77 -3.29
N ILE B 285 17.97 -11.39 -2.17
CA ILE B 285 16.61 -11.24 -1.64
C ILE B 285 16.71 -10.30 -0.48
N VAL B 286 15.81 -9.32 -0.44
CA VAL B 286 15.84 -8.36 0.65
C VAL B 286 14.50 -8.39 1.37
N ASP B 287 14.47 -7.82 2.60
CA ASP B 287 13.24 -7.78 3.36
C ASP B 287 12.31 -6.62 3.10
N ALA B 288 12.53 -5.96 1.97
CA ALA B 288 11.58 -4.93 1.47
C ALA B 288 10.85 -5.48 0.26
N GLY B 289 9.67 -6.04 0.49
CA GLY B 289 8.84 -6.45 -0.67
C GLY B 289 7.84 -5.35 -0.98
N TRP B 290 6.70 -5.69 -1.62
CA TRP B 290 5.79 -4.64 -1.94
C TRP B 290 5.01 -4.11 -0.74
N MET B 291 5.00 -4.89 0.39
CA MET B 291 4.36 -4.28 1.55
C MET B 291 5.19 -3.07 2.05
N ALA B 292 6.50 -3.10 1.83
CA ALA B 292 7.33 -1.91 2.16
C ALA B 292 7.33 -0.89 1.04
N MET B 293 7.51 -1.38 -0.20
CA MET B 293 7.61 -0.37 -1.28
C MET B 293 6.31 0.18 -1.83
N SER B 294 5.21 -0.55 -1.56
CA SER B 294 3.94 -0.45 -2.22
C SER B 294 4.04 -1.16 -3.62
N ARG B 295 2.85 -1.40 -4.15
CA ARG B 295 2.80 -1.99 -5.52
C ARG B 295 2.95 -0.95 -6.61
N ASP B 296 3.22 0.36 -6.28
CA ASP B 296 3.28 1.34 -7.36
C ASP B 296 4.44 0.99 -8.33
N ARG B 297 4.11 1.04 -9.62
CA ARG B 297 5.09 0.78 -10.63
C ARG B 297 5.04 1.90 -11.71
N GLY B 298 4.94 3.12 -11.19
CA GLY B 298 4.81 4.30 -12.09
C GLY B 298 5.98 4.45 -13.02
N THR B 299 7.17 3.93 -12.69
CA THR B 299 8.31 4.11 -13.61
C THR B 299 8.27 3.14 -14.82
N ALA B 300 7.35 2.13 -14.80
CA ALA B 300 7.40 1.06 -15.82
C ALA B 300 7.10 1.58 -17.24
N ARG B 301 6.29 2.58 -17.31
CA ARG B 301 5.99 3.18 -18.65
C ARG B 301 6.88 4.41 -18.97
N GLN B 302 7.72 4.87 -18.06
CA GLN B 302 8.63 5.99 -18.34
C GLN B 302 9.90 5.59 -19.08
N LYS B 303 10.80 6.57 -19.29
CA LYS B 303 12.03 6.35 -20.02
C LYS B 303 12.96 5.37 -19.37
N GLN B 304 12.89 5.25 -18.05
CA GLN B 304 13.74 4.28 -17.39
C GLN B 304 12.89 3.55 -16.33
N ASP B 305 12.84 2.22 -16.47
CA ASP B 305 11.95 1.43 -15.53
C ASP B 305 12.87 1.04 -14.37
N PHE B 306 12.47 1.41 -13.16
CA PHE B 306 13.27 1.13 -11.96
C PHE B 306 12.70 -0.04 -11.16
N GLY B 307 11.78 -0.80 -11.77
CA GLY B 307 11.18 -1.96 -11.03
C GLY B 307 10.51 -1.43 -9.79
N TYR B 308 10.65 -2.19 -8.66
CA TYR B 308 10.16 -1.76 -7.35
C TYR B 308 11.10 -0.83 -6.59
N GLY B 309 12.17 -0.34 -7.26
CA GLY B 309 12.95 0.73 -6.70
C GLY B 309 14.43 0.61 -7.04
N GLN B 310 15.08 1.80 -7.02
CA GLN B 310 16.53 1.89 -7.29
C GLN B 310 17.36 1.55 -6.04
N VAL B 311 18.28 0.60 -6.16
CA VAL B 311 19.16 0.23 -5.02
C VAL B 311 20.25 1.29 -4.79
N CYS B 312 20.36 1.68 -3.50
CA CYS B 312 21.46 2.55 -3.06
C CYS B 312 22.16 1.82 -1.91
N ASP B 313 23.42 2.25 -1.66
CA ASP B 313 24.09 1.70 -0.53
C ASP B 313 23.59 2.32 0.76
N LEU B 314 24.20 1.86 1.88
CA LEU B 314 23.76 2.35 3.21
C LEU B 314 23.94 3.87 3.32
N GLN B 315 24.91 4.44 2.61
CA GLN B 315 25.13 5.88 2.63
C GLN B 315 24.22 6.63 1.71
N GLY B 316 23.30 5.94 1.03
CA GLY B 316 22.30 6.65 0.28
C GLY B 316 22.68 6.89 -1.16
N ARG B 317 23.85 6.42 -1.59
CA ARG B 317 24.36 6.65 -2.93
C ARG B 317 23.84 5.55 -3.91
N VAL B 318 23.32 6.01 -5.02
CA VAL B 318 22.84 5.10 -6.03
C VAL B 318 23.86 4.10 -6.47
N MET B 319 23.46 2.83 -6.53
CA MET B 319 24.25 1.73 -7.09
C MET B 319 23.74 1.42 -8.51
N PRO B 320 24.38 1.99 -9.54
CA PRO B 320 23.73 1.98 -10.86
C PRO B 320 23.54 0.56 -11.41
N GLY B 321 22.36 0.36 -12.05
CA GLY B 321 22.19 -0.97 -12.67
C GLY B 321 21.47 -2.03 -11.80
N PHE B 322 21.43 -1.79 -10.49
CA PHE B 322 20.73 -2.71 -9.56
C PHE B 322 19.43 -2.11 -9.13
N VAL B 323 18.35 -2.87 -9.30
CA VAL B 323 16.97 -2.42 -8.93
C VAL B 323 16.28 -3.61 -8.24
N LEU B 324 15.13 -3.36 -7.62
CA LEU B 324 14.29 -4.47 -7.18
C LEU B 324 13.49 -4.85 -8.46
N THR B 325 13.91 -5.94 -9.06
CA THR B 325 13.23 -6.38 -10.27
C THR B 325 11.87 -7.07 -10.00
N GLY B 326 11.65 -7.54 -8.77
CA GLY B 326 10.34 -8.15 -8.47
C GLY B 326 10.14 -8.06 -6.97
N ALA B 327 8.89 -8.27 -6.60
CA ALA B 327 8.55 -8.20 -5.17
C ALA B 327 7.36 -9.03 -4.83
N ASN B 328 7.52 -9.78 -3.72
CA ASN B 328 6.36 -10.39 -3.11
C ASN B 328 6.11 -9.66 -1.81
N GLN B 329 5.15 -10.12 -0.99
CA GLN B 329 4.69 -9.24 0.10
C GLN B 329 5.85 -8.74 1.04
N GLU B 330 6.65 -9.69 1.49
CA GLU B 330 7.74 -9.31 2.41
C GLU B 330 9.10 -9.62 1.84
N HIS B 331 9.21 -9.94 0.53
CA HIS B 331 10.52 -10.29 -0.01
C HIS B 331 10.63 -9.48 -1.27
N GLY B 332 11.76 -8.82 -1.41
CA GLY B 332 12.05 -8.08 -2.67
C GLY B 332 13.21 -8.81 -3.33
N ILE B 333 13.18 -8.79 -4.66
CA ILE B 333 14.22 -9.49 -5.49
C ILE B 333 15.07 -8.37 -6.09
N LEU B 334 16.34 -8.34 -5.68
CA LEU B 334 17.31 -7.36 -6.12
C LEU B 334 18.13 -8.09 -7.25
N ALA B 335 18.18 -7.42 -8.43
CA ALA B 335 18.91 -8.05 -9.57
C ALA B 335 19.32 -6.95 -10.53
N ARG B 336 20.10 -7.32 -11.54
CA ARG B 336 20.40 -6.26 -12.57
C ARG B 336 19.25 -5.79 -13.38
N ALA B 337 19.05 -4.46 -13.54
CA ALA B 337 17.99 -3.92 -14.38
C ALA B 337 18.16 -4.39 -15.84
N ASP B 338 19.37 -4.57 -16.27
CA ASP B 338 19.58 -4.96 -17.69
C ASP B 338 19.30 -6.45 -17.98
N GLY B 339 18.88 -7.23 -16.96
CA GLY B 339 18.46 -8.59 -17.20
C GLY B 339 19.59 -9.60 -17.15
N ALA B 340 20.86 -9.17 -17.05
CA ALA B 340 21.98 -10.11 -16.84
C ALA B 340 21.93 -10.76 -15.44
N ALA B 341 22.51 -11.96 -15.30
CA ALA B 341 22.76 -12.53 -13.97
C ALA B 341 24.13 -12.02 -13.44
N GLU B 342 24.10 -11.11 -12.45
CA GLU B 342 25.30 -10.72 -11.76
C GLU B 342 26.08 -11.99 -11.27
N ALA B 343 27.40 -12.07 -11.55
CA ALA B 343 28.25 -13.16 -10.99
C ALA B 343 28.53 -12.94 -9.48
N ASP B 344 28.72 -13.98 -8.68
CA ASP B 344 29.02 -13.74 -7.24
C ASP B 344 28.10 -12.67 -6.62
N ILE B 345 26.79 -12.77 -6.85
CA ILE B 345 25.83 -11.83 -6.20
C ILE B 345 26.02 -11.84 -4.68
N ALA B 346 26.34 -12.99 -4.08
CA ALA B 346 26.52 -13.05 -2.64
C ALA B 346 27.71 -12.23 -2.14
N THR B 347 28.74 -12.06 -3.00
CA THR B 347 29.90 -11.24 -2.61
C THR B 347 29.51 -9.75 -2.86
N ARG B 348 28.76 -9.40 -3.92
CA ARG B 348 28.37 -8.03 -4.17
C ARG B 348 27.39 -7.54 -3.06
N PHE B 349 26.55 -8.45 -2.59
CA PHE B 349 25.55 -8.14 -1.57
C PHE B 349 25.50 -9.16 -0.44
N PRO B 350 26.45 -9.12 0.52
CA PRO B 350 26.48 -10.21 1.50
C PRO B 350 25.20 -10.29 2.44
N LEU B 351 24.89 -11.49 2.92
CA LEU B 351 23.78 -11.66 3.85
C LEU B 351 23.98 -10.62 4.96
N GLY B 352 22.93 -9.89 5.31
CA GLY B 352 22.90 -8.95 6.45
C GLY B 352 23.30 -7.56 6.00
N THR B 353 23.78 -7.40 4.75
CA THR B 353 24.04 -6.03 4.20
C THR B 353 22.77 -5.18 4.27
N ARG B 354 22.94 -3.90 4.57
CA ARG B 354 21.83 -2.97 4.55
C ARG B 354 21.96 -2.09 3.36
N LEU B 355 20.81 -1.87 2.76
CA LEU B 355 20.70 -1.07 1.50
C LEU B 355 19.59 -0.08 1.69
N ARG B 356 19.50 0.89 0.79
CA ARG B 356 18.36 1.85 0.80
C ARG B 356 17.72 1.87 -0.59
N ILE B 357 16.40 1.78 -0.65
CA ILE B 357 15.73 1.66 -1.95
C ILE B 357 14.96 2.95 -2.20
N LEU B 358 15.23 3.57 -3.36
CA LEU B 358 14.45 4.78 -3.68
C LEU B 358 13.08 4.35 -4.33
N PRO B 359 12.01 4.98 -3.92
CA PRO B 359 10.65 4.58 -4.32
C PRO B 359 10.27 5.10 -5.74
N ASN B 360 9.39 4.33 -6.41
CA ASN B 360 8.67 4.89 -7.58
C ASN B 360 7.89 6.13 -7.16
N HIS B 361 7.05 6.01 -6.13
CA HIS B 361 6.08 7.09 -5.90
C HIS B 361 6.07 7.29 -4.43
N ALA B 362 6.62 8.46 -3.97
CA ALA B 362 6.77 8.66 -2.54
C ALA B 362 5.47 8.62 -1.74
N CYS B 363 4.38 9.05 -2.37
CA CYS B 363 3.07 9.06 -1.68
C CYS B 363 2.62 7.63 -1.37
N ALA B 364 2.91 6.76 -2.32
CA ALA B 364 2.47 5.34 -2.14
C ALA B 364 3.36 4.60 -1.18
N THR B 365 4.70 4.79 -1.32
CA THR B 365 5.62 4.07 -0.36
C THR B 365 5.39 4.58 1.04
N GLY B 366 5.24 5.90 1.21
CA GLY B 366 5.14 6.41 2.62
C GLY B 366 3.94 5.80 3.35
N ALA B 367 2.81 5.61 2.61
CA ALA B 367 1.62 5.15 3.29
C ALA B 367 1.73 3.71 3.80
N GLN B 368 2.76 2.99 3.34
CA GLN B 368 2.94 1.64 3.88
CA GLN B 368 2.98 1.61 3.84
C GLN B 368 3.50 1.62 5.28
N PHE B 369 3.91 2.81 5.80
CA PHE B 369 4.62 2.83 7.13
C PHE B 369 3.85 3.58 8.21
N PRO B 370 3.80 3.09 9.43
CA PRO B 370 3.21 3.85 10.54
C PRO B 370 4.01 5.13 10.83
N ALA B 371 5.28 5.15 10.50
CA ALA B 371 6.09 6.35 10.83
C ALA B 371 7.30 6.34 9.94
N TYR B 372 7.88 7.53 9.80
CA TYR B 372 9.19 7.65 9.18
C TYR B 372 10.28 7.73 10.24
N GLN B 373 11.52 7.41 9.79
CA GLN B 373 12.70 7.64 10.63
C GLN B 373 13.40 8.83 10.01
N ALA B 374 13.34 9.97 10.69
CA ALA B 374 13.89 11.24 10.19
C ALA B 374 15.40 11.26 10.52
N LEU B 375 16.23 11.13 9.48
CA LEU B 375 17.72 11.02 9.60
C LEU B 375 18.36 12.41 9.57
N ALA B 376 18.99 12.75 10.69
CA ALA B 376 19.81 13.98 10.80
C ALA B 376 21.25 13.78 10.34
N ALA B 377 21.93 14.93 10.18
CA ALA B 377 23.25 14.92 9.59
C ALA B 377 24.24 14.13 10.40
N ASP B 378 24.00 14.04 11.70
CA ASP B 378 24.90 13.25 12.58
C ASP B 378 24.67 11.71 12.58
N GLY B 379 23.72 11.25 11.78
CA GLY B 379 23.41 9.82 11.59
C GLY B 379 22.33 9.28 12.52
N SER B 380 21.89 10.14 13.46
CA SER B 380 20.82 9.94 14.40
C SER B 380 19.45 9.90 13.68
N VAL B 381 18.51 9.00 14.08
CA VAL B 381 17.15 9.06 13.58
C VAL B 381 16.17 9.40 14.69
N GLN B 382 14.99 9.86 14.25
CA GLN B 382 13.91 10.12 15.21
C GLN B 382 12.64 9.59 14.58
N THR B 383 11.73 9.08 15.41
CA THR B 383 10.47 8.51 14.76
C THR B 383 9.46 9.61 14.54
N TRP B 384 9.06 9.76 13.30
CA TRP B 384 8.04 10.76 12.92
C TRP B 384 6.78 10.04 12.45
N GLU B 385 5.76 10.02 13.32
CA GLU B 385 4.51 9.27 12.96
C GLU B 385 3.81 9.88 11.78
N ARG B 386 3.08 9.04 11.08
CA ARG B 386 2.19 9.56 10.01
C ARG B 386 0.85 8.86 10.05
N LEU B 387 -0.15 9.47 9.41
CA LEU B 387 -1.50 8.90 9.51
C LEU B 387 -1.76 7.79 8.48
N HIS B 388 -2.52 6.80 8.99
CA HIS B 388 -2.99 5.69 8.13
C HIS B 388 -4.49 5.61 8.23
N GLY B 389 -5.10 5.45 7.03
CA GLY B 389 -6.54 5.23 7.00
C GLY B 389 -7.37 6.50 6.93
N TRP B 390 -8.63 6.43 7.32
CA TRP B 390 -9.67 7.48 7.11
C TRP B 390 -10.38 7.83 8.39
#